data_4CBK
#
_entry.id   4CBK
#
_cell.length_a   73.790
_cell.length_b   96.750
_cell.length_c   118.330
_cell.angle_alpha   90.00
_cell.angle_beta   105.38
_cell.angle_gamma   90.00
#
_symmetry.space_group_name_H-M   'P 1 21 1'
#
loop_
_entity.id
_entity.type
_entity.pdbx_description
1 polymer 'ATP SYNTHASE SUBUNIT C'
2 non-polymer 'dodecyl 2-(trimethylammonio)ethyl phosphate'
3 non-polymer 'SODIUM ION'
4 non-polymer DODECYL-BETA-D-MALTOSIDE
5 water water
#
_entity_poly.entity_id   1
_entity_poly.type   'polypeptide(L)'
_entity_poly.pdbx_seq_one_letter_code
;(FME)AFLGAAIAAGLAAVAGAIAVAIIVKATIEGTTRQPELRGTLQTLMFIGVPLAEAVPIIAIVISLLILF
;
_entity_poly.pdbx_strand_id   A,B,C,D,E,F,G,H,I,J,K,L,M
#
# COMPACT_ATOMS: atom_id res chain seq x y z
N ALA A 2 -26.48 7.85 -13.28
CA ALA A 2 -25.87 7.68 -14.58
C ALA A 2 -24.62 8.55 -14.68
N PHE A 3 -24.61 9.66 -13.95
CA PHE A 3 -23.44 10.53 -13.90
C PHE A 3 -22.36 9.89 -13.04
N LEU A 4 -22.78 9.28 -11.93
CA LEU A 4 -21.85 8.60 -11.03
C LEU A 4 -21.23 7.39 -11.71
N GLY A 5 -22.07 6.60 -12.38
CA GLY A 5 -21.63 5.42 -13.09
C GLY A 5 -20.64 5.71 -14.23
N ALA A 6 -20.98 6.69 -15.06
CA ALA A 6 -20.11 7.05 -16.19
C ALA A 6 -18.76 7.51 -15.68
N ALA A 7 -18.76 8.21 -14.55
CA ALA A 7 -17.55 8.73 -13.94
C ALA A 7 -16.65 7.62 -13.43
N ILE A 8 -17.23 6.75 -12.59
CA ILE A 8 -16.50 5.63 -12.01
C ILE A 8 -15.88 4.74 -13.09
N ALA A 9 -16.64 4.50 -14.16
CA ALA A 9 -16.15 3.66 -15.24
C ALA A 9 -15.01 4.33 -16.01
N ALA A 10 -15.16 5.63 -16.29
CA ALA A 10 -14.16 6.38 -17.03
C ALA A 10 -12.92 6.64 -16.18
N GLY A 11 -13.13 7.01 -14.93
CA GLY A 11 -12.03 7.28 -14.02
C GLY A 11 -11.15 6.06 -13.79
N LEU A 12 -11.78 4.93 -13.51
CA LEU A 12 -11.06 3.69 -13.29
C LEU A 12 -10.33 3.24 -14.56
N ALA A 13 -10.99 3.39 -15.71
CA ALA A 13 -10.37 3.05 -16.99
C ALA A 13 -9.16 3.93 -17.26
N ALA A 14 -9.28 5.21 -16.90
CA ALA A 14 -8.16 6.15 -17.00
C ALA A 14 -6.96 5.65 -16.20
N VAL A 15 -7.19 5.31 -14.93
CA VAL A 15 -6.11 4.81 -14.08
C VAL A 15 -5.55 3.51 -14.64
N ALA A 16 -6.43 2.61 -15.04
CA ALA A 16 -6.04 1.32 -15.59
C ALA A 16 -5.12 1.45 -16.80
N GLY A 17 -5.54 2.24 -17.78
CA GLY A 17 -4.79 2.39 -19.00
C GLY A 17 -3.51 3.17 -18.86
N ALA A 18 -3.57 4.32 -18.19
CA ALA A 18 -2.42 5.18 -18.03
C ALA A 18 -1.29 4.47 -17.31
N ILE A 19 -1.62 3.80 -16.21
CA ILE A 19 -0.62 3.11 -15.41
C ILE A 19 -0.02 1.90 -16.16
N ALA A 20 -0.88 1.12 -16.82
CA ALA A 20 -0.41 -0.05 -17.56
C ALA A 20 0.57 0.36 -18.67
N VAL A 21 0.20 1.38 -19.43
CA VAL A 21 1.07 1.93 -20.45
C VAL A 21 2.40 2.40 -19.85
N ALA A 22 2.32 3.15 -18.75
CA ALA A 22 3.50 3.67 -18.07
C ALA A 22 4.46 2.54 -17.68
N ILE A 23 3.88 1.46 -17.17
CA ILE A 23 4.66 0.30 -16.74
C ILE A 23 5.35 -0.36 -17.94
N ILE A 24 4.64 -0.46 -19.05
CA ILE A 24 5.18 -1.08 -20.25
C ILE A 24 6.25 -0.19 -20.89
N VAL A 25 5.97 1.11 -21.01
CA VAL A 25 6.92 2.05 -21.58
C VAL A 25 8.20 2.16 -20.73
N LYS A 26 8.03 2.23 -19.41
CA LYS A 26 9.17 2.26 -18.50
C LYS A 26 10.09 1.05 -18.75
N ALA A 27 9.48 -0.12 -18.82
CA ALA A 27 10.23 -1.35 -19.10
C ALA A 27 10.97 -1.27 -20.43
N THR A 28 10.31 -0.68 -21.44
CA THR A 28 10.93 -0.53 -22.75
C THR A 28 12.14 0.38 -22.68
N ILE A 29 12.00 1.46 -21.91
CA ILE A 29 13.08 2.43 -21.72
C ILE A 29 14.28 1.83 -20.99
N GLU A 30 14.00 0.99 -19.99
CA GLU A 30 15.06 0.35 -19.21
C GLU A 30 15.78 -0.73 -20.00
N GLY A 31 15.04 -1.48 -20.81
CA GLY A 31 15.64 -2.50 -21.64
C GLY A 31 16.52 -1.88 -22.70
N THR A 32 16.02 -0.84 -23.35
CA THR A 32 16.77 -0.12 -24.37
C THR A 32 18.04 0.48 -23.78
N THR A 33 17.91 1.08 -22.61
CA THR A 33 19.07 1.63 -21.88
C THR A 33 20.09 0.54 -21.57
N ARG A 34 19.59 -0.64 -21.23
CA ARG A 34 20.45 -1.77 -20.85
C ARG A 34 21.05 -2.46 -22.08
N GLN A 35 20.26 -2.58 -23.14
CA GLN A 35 20.73 -3.23 -24.37
C GLN A 35 20.18 -2.50 -25.59
N PRO A 36 20.84 -1.40 -26.00
CA PRO A 36 20.39 -0.56 -27.12
C PRO A 36 20.26 -1.32 -28.44
N GLU A 37 20.94 -2.44 -28.56
CA GLU A 37 20.88 -3.25 -29.79
C GLU A 37 19.48 -3.82 -29.99
N LEU A 38 18.79 -4.07 -28.89
CA LEU A 38 17.47 -4.68 -28.94
C LEU A 38 16.35 -3.64 -29.04
N ARG A 39 16.72 -2.41 -29.37
CA ARG A 39 15.76 -1.30 -29.43
C ARG A 39 14.55 -1.64 -30.30
N GLY A 40 14.79 -2.26 -31.45
CA GLY A 40 13.73 -2.61 -32.37
C GLY A 40 12.76 -3.63 -31.81
N THR A 41 13.29 -4.73 -31.28
CA THR A 41 12.44 -5.80 -30.75
C THR A 41 11.70 -5.37 -29.49
N LEU A 42 12.31 -4.52 -28.68
CA LEU A 42 11.65 -4.03 -27.48
C LEU A 42 10.53 -3.06 -27.82
N GLN A 43 10.78 -2.18 -28.80
CA GLN A 43 9.76 -1.24 -29.28
C GLN A 43 8.58 -1.99 -29.89
N THR A 44 8.85 -3.15 -30.49
CA THR A 44 7.79 -4.00 -31.03
C THR A 44 6.94 -4.58 -29.91
N LEU A 45 7.61 -5.04 -28.86
CA LEU A 45 6.94 -5.57 -27.67
C LEU A 45 6.04 -4.51 -27.04
N MET A 46 6.52 -3.26 -27.02
CA MET A 46 5.76 -2.15 -26.50
C MET A 46 4.52 -1.85 -27.36
N PHE A 47 4.66 -2.01 -28.67
CA PHE A 47 3.57 -1.74 -29.59
C PHE A 47 2.54 -2.87 -29.61
N ILE A 48 2.92 -4.04 -29.12
CA ILE A 48 1.95 -5.13 -28.96
C ILE A 48 1.26 -5.02 -27.59
N GLY A 49 2.05 -4.75 -26.56
CA GLY A 49 1.55 -4.69 -25.20
C GLY A 49 0.55 -3.57 -24.93
N VAL A 50 0.91 -2.34 -25.32
CA VAL A 50 0.07 -1.17 -25.08
C VAL A 50 -1.39 -1.33 -25.55
N PRO A 51 -1.63 -1.72 -26.82
CA PRO A 51 -3.01 -1.91 -27.24
C PRO A 51 -3.70 -3.03 -26.47
N LEU A 52 -2.96 -4.09 -26.17
CA LEU A 52 -3.51 -5.18 -25.38
C LEU A 52 -3.91 -4.70 -23.98
N ALA A 53 -3.09 -3.84 -23.39
CA ALA A 53 -3.38 -3.32 -22.06
C ALA A 53 -4.51 -2.30 -22.06
N GLU A 54 -4.60 -1.52 -23.14
CA GLU A 54 -5.62 -0.48 -23.25
C GLU A 54 -6.98 -1.02 -23.66
N ALA A 55 -7.02 -2.28 -24.08
CA ALA A 55 -8.24 -2.91 -24.60
C ALA A 55 -9.44 -2.79 -23.68
N VAL A 56 -9.40 -3.49 -22.56
CA VAL A 56 -10.51 -3.44 -21.60
C VAL A 56 -10.81 -2.03 -21.06
N PRO A 57 -9.77 -1.23 -20.76
CA PRO A 57 -10.07 0.16 -20.38
C PRO A 57 -10.84 0.92 -21.46
N ILE A 58 -10.50 0.69 -22.72
CA ILE A 58 -11.22 1.30 -23.83
C ILE A 58 -12.68 0.82 -23.87
N ILE A 59 -12.88 -0.48 -23.65
CA ILE A 59 -14.23 -1.04 -23.57
C ILE A 59 -15.02 -0.40 -22.42
N ALA A 60 -14.34 -0.20 -21.29
CA ALA A 60 -14.97 0.44 -20.13
C ALA A 60 -15.32 1.90 -20.42
N ILE A 61 -14.58 2.52 -21.34
CA ILE A 61 -14.88 3.88 -21.76
C ILE A 61 -16.17 3.90 -22.57
N VAL A 62 -16.31 2.93 -23.47
CA VAL A 62 -17.53 2.79 -24.26
C VAL A 62 -18.74 2.62 -23.35
N ILE A 63 -18.60 1.76 -22.34
CA ILE A 63 -19.66 1.54 -21.36
C ILE A 63 -20.01 2.83 -20.61
N SER A 64 -18.99 3.61 -20.27
CA SER A 64 -19.19 4.90 -19.62
C SER A 64 -20.09 5.80 -20.46
N LEU A 65 -19.88 5.76 -21.78
CA LEU A 65 -20.67 6.56 -22.70
C LEU A 65 -22.10 6.03 -22.84
N LEU A 66 -22.25 4.72 -22.91
CA LEU A 66 -23.57 4.08 -22.96
C LEU A 66 -24.41 4.49 -21.75
N ILE A 67 -23.79 4.44 -20.57
CA ILE A 67 -24.44 4.88 -19.34
C ILE A 67 -24.86 6.35 -19.42
N LEU A 68 -23.97 7.20 -19.90
CA LEU A 68 -24.26 8.62 -20.08
C LEU A 68 -25.34 8.85 -21.13
N PHE A 69 -25.26 8.12 -22.24
CA PHE A 69 -26.21 8.27 -23.32
C PHE A 69 -27.13 7.06 -23.42
N ALA B 2 -28.37 0.09 -11.79
CA ALA B 2 -27.83 -0.69 -12.91
C ALA B 2 -26.63 0.05 -13.50
N PHE B 3 -26.73 1.37 -13.56
CA PHE B 3 -25.62 2.20 -14.02
C PHE B 3 -24.43 2.03 -13.10
N LEU B 4 -24.66 2.18 -11.79
CA LEU B 4 -23.60 2.04 -10.80
C LEU B 4 -22.97 0.66 -10.88
N GLY B 5 -23.80 -0.37 -10.97
CA GLY B 5 -23.34 -1.74 -11.13
C GLY B 5 -22.44 -1.90 -12.33
N ALA B 6 -22.94 -1.50 -13.50
CA ALA B 6 -22.19 -1.63 -14.74
C ALA B 6 -20.84 -0.93 -14.67
N ALA B 7 -20.81 0.21 -13.98
CA ALA B 7 -19.58 0.98 -13.81
C ALA B 7 -18.55 0.22 -12.98
N ILE B 8 -19.01 -0.36 -11.88
CA ILE B 8 -18.14 -1.09 -10.96
C ILE B 8 -17.51 -2.29 -11.65
N ALA B 9 -18.35 -3.09 -12.33
CA ALA B 9 -17.87 -4.28 -13.03
C ALA B 9 -16.91 -3.92 -14.17
N ALA B 10 -17.26 -2.89 -14.94
CA ALA B 10 -16.42 -2.47 -16.06
C ALA B 10 -15.14 -1.79 -15.59
N GLY B 11 -15.26 -0.99 -14.52
CA GLY B 11 -14.12 -0.28 -13.97
C GLY B 11 -13.09 -1.22 -13.37
N LEU B 12 -13.56 -2.19 -12.59
CA LEU B 12 -12.65 -3.15 -11.97
C LEU B 12 -12.07 -4.12 -12.99
N ALA B 13 -12.84 -4.44 -14.02
CA ALA B 13 -12.36 -5.31 -15.09
C ALA B 13 -11.25 -4.63 -15.88
N ALA B 14 -11.39 -3.32 -16.08
CA ALA B 14 -10.37 -2.53 -16.78
C ALA B 14 -9.06 -2.55 -16.01
N VAL B 15 -9.12 -2.21 -14.73
CA VAL B 15 -7.94 -2.22 -13.87
C VAL B 15 -7.30 -3.61 -13.87
N ALA B 16 -8.14 -4.63 -13.73
CA ALA B 16 -7.68 -6.01 -13.70
C ALA B 16 -6.90 -6.39 -14.97
N GLY B 17 -7.51 -6.12 -16.12
CA GLY B 17 -6.93 -6.50 -17.40
C GLY B 17 -5.69 -5.71 -17.74
N ALA B 18 -5.77 -4.39 -17.62
CA ALA B 18 -4.66 -3.51 -17.97
C ALA B 18 -3.41 -3.82 -17.15
N ILE B 19 -3.57 -3.87 -15.84
CA ILE B 19 -2.44 -4.11 -14.94
C ILE B 19 -1.84 -5.50 -15.14
N ALA B 20 -2.69 -6.50 -15.32
CA ALA B 20 -2.24 -7.87 -15.53
C ALA B 20 -1.43 -7.98 -16.81
N VAL B 21 -1.94 -7.39 -17.89
CA VAL B 21 -1.24 -7.35 -19.15
C VAL B 21 0.09 -6.62 -18.99
N ALA B 22 0.07 -5.48 -18.31
CA ALA B 22 1.29 -4.70 -18.08
C ALA B 22 2.35 -5.53 -17.36
N ILE B 23 1.93 -6.29 -16.36
CA ILE B 23 2.82 -7.17 -15.62
C ILE B 23 3.44 -8.23 -16.53
N ILE B 24 2.61 -8.89 -17.32
CA ILE B 24 3.06 -9.96 -18.21
C ILE B 24 4.00 -9.43 -19.28
N VAL B 25 3.61 -8.33 -19.92
CA VAL B 25 4.42 -7.73 -20.97
C VAL B 25 5.76 -7.21 -20.45
N LYS B 26 5.73 -6.56 -19.29
CA LYS B 26 6.95 -6.07 -18.64
C LYS B 26 7.94 -7.21 -18.39
N ALA B 27 7.42 -8.36 -17.95
CA ALA B 27 8.24 -9.54 -17.71
C ALA B 27 8.85 -10.05 -19.02
N THR B 28 8.05 -10.02 -20.08
CA THR B 28 8.52 -10.45 -21.39
C THR B 28 9.65 -9.54 -21.88
N ILE B 29 9.45 -8.24 -21.73
CA ILE B 29 10.46 -7.26 -22.13
C ILE B 29 11.76 -7.43 -21.33
N GLU B 30 11.65 -7.67 -20.03
CA GLU B 30 12.81 -7.84 -19.16
C GLU B 30 13.61 -9.09 -19.48
N GLY B 31 12.90 -10.19 -19.76
CA GLY B 31 13.56 -11.44 -20.07
C GLY B 31 14.22 -11.39 -21.43
N THR B 32 13.54 -10.75 -22.39
CA THR B 32 14.07 -10.60 -23.74
C THR B 32 15.33 -9.74 -23.70
N THR B 33 15.32 -8.73 -22.83
CA THR B 33 16.48 -7.87 -22.64
C THR B 33 17.68 -8.66 -22.12
N ARG B 34 17.42 -9.59 -21.20
CA ARG B 34 18.48 -10.37 -20.58
C ARG B 34 18.93 -11.54 -21.45
N GLN B 35 18.00 -12.12 -22.20
CA GLN B 35 18.31 -13.25 -23.08
C GLN B 35 17.58 -13.12 -24.40
N PRO B 36 18.11 -12.32 -25.34
CA PRO B 36 17.50 -12.06 -26.64
C PRO B 36 17.31 -13.32 -27.49
N GLU B 37 18.06 -14.39 -27.24
CA GLU B 37 17.87 -15.65 -27.95
C GLU B 37 16.48 -16.20 -27.69
N LEU B 38 15.91 -15.89 -26.53
CA LEU B 38 14.65 -16.48 -26.11
C LEU B 38 13.44 -15.64 -26.49
N ARG B 39 13.65 -14.58 -27.27
CA ARG B 39 12.55 -13.66 -27.60
C ARG B 39 11.36 -14.39 -28.21
N GLY B 40 11.64 -15.42 -29.00
CA GLY B 40 10.58 -16.24 -29.56
C GLY B 40 9.85 -17.02 -28.49
N THR B 41 10.61 -17.71 -27.65
CA THR B 41 10.05 -18.52 -26.57
C THR B 41 9.25 -17.64 -25.61
N LEU B 42 9.85 -16.51 -25.23
CA LEU B 42 9.23 -15.58 -24.29
C LEU B 42 7.94 -14.95 -24.85
N GLN B 43 7.97 -14.59 -26.13
CA GLN B 43 6.81 -13.98 -26.77
C GLN B 43 5.65 -14.98 -26.83
N THR B 44 5.96 -16.26 -26.94
CA THR B 44 4.93 -17.29 -26.96
C THR B 44 4.23 -17.36 -25.62
N LEU B 45 5.02 -17.33 -24.54
CA LEU B 45 4.47 -17.31 -23.19
C LEU B 45 3.62 -16.06 -22.96
N MET B 46 4.06 -14.93 -23.50
CA MET B 46 3.30 -13.69 -23.41
C MET B 46 1.96 -13.82 -24.12
N PHE B 47 1.98 -14.47 -25.28
CA PHE B 47 0.77 -14.63 -26.09
C PHE B 47 -0.16 -15.71 -25.52
N ILE B 48 0.36 -16.61 -24.71
CA ILE B 48 -0.49 -17.57 -24.00
C ILE B 48 -1.03 -16.93 -22.71
N GLY B 49 -0.18 -16.16 -22.04
CA GLY B 49 -0.52 -15.55 -20.76
C GLY B 49 -1.60 -14.48 -20.83
N VAL B 50 -1.44 -13.54 -21.76
CA VAL B 50 -2.38 -12.41 -21.88
C VAL B 50 -3.87 -12.80 -22.00
N PRO B 51 -4.22 -13.71 -22.93
CA PRO B 51 -5.63 -14.11 -23.00
C PRO B 51 -6.14 -14.74 -21.72
N LEU B 52 -5.31 -15.56 -21.08
CA LEU B 52 -5.66 -16.17 -19.81
C LEU B 52 -5.99 -15.11 -18.76
N ALA B 53 -5.12 -14.12 -18.63
CA ALA B 53 -5.32 -13.04 -17.67
C ALA B 53 -6.53 -12.18 -18.00
N GLU B 54 -6.84 -12.06 -19.30
CA GLU B 54 -7.95 -11.22 -19.73
C GLU B 54 -9.29 -11.94 -19.70
N ALA B 55 -9.25 -13.27 -19.56
CA ALA B 55 -10.46 -14.09 -19.62
C ALA B 55 -11.56 -13.62 -18.65
N VAL B 56 -11.29 -13.70 -17.35
CA VAL B 56 -12.27 -13.27 -16.35
C VAL B 56 -12.67 -11.79 -16.44
N PRO B 57 -11.71 -10.88 -16.70
CA PRO B 57 -12.09 -9.49 -16.94
C PRO B 57 -13.06 -9.32 -18.11
N ILE B 58 -12.83 -10.06 -19.19
CA ILE B 58 -13.73 -10.06 -20.34
C ILE B 58 -15.15 -10.47 -19.93
N ILE B 59 -15.24 -11.54 -19.14
CA ILE B 59 -16.51 -12.01 -18.61
C ILE B 59 -17.20 -10.95 -17.76
N ALA B 60 -16.43 -10.24 -16.95
CA ALA B 60 -16.97 -9.18 -16.11
C ALA B 60 -17.49 -8.01 -16.95
N ILE B 61 -16.89 -7.80 -18.12
CA ILE B 61 -17.36 -6.80 -19.07
C ILE B 61 -18.70 -7.23 -19.66
N VAL B 62 -18.79 -8.49 -20.07
CA VAL B 62 -20.04 -9.07 -20.53
C VAL B 62 -21.14 -8.90 -19.47
N ILE B 63 -20.82 -9.23 -18.22
CA ILE B 63 -21.76 -9.08 -17.13
C ILE B 63 -22.16 -7.61 -16.94
N SER B 64 -21.20 -6.72 -17.16
CA SER B 64 -21.46 -5.28 -17.11
C SER B 64 -22.54 -4.89 -18.12
N LEU B 65 -22.51 -5.53 -19.29
CA LEU B 65 -23.48 -5.26 -20.35
C LEU B 65 -24.85 -5.86 -20.04
N LEU B 66 -24.86 -7.05 -19.45
CA LEU B 66 -26.10 -7.71 -19.05
C LEU B 66 -26.85 -6.87 -18.03
N ILE B 67 -26.10 -6.26 -17.11
CA ILE B 67 -26.66 -5.34 -16.14
C ILE B 67 -27.25 -4.11 -16.84
N LEU B 68 -26.50 -3.57 -17.78
CA LEU B 68 -26.96 -2.40 -18.55
C LEU B 68 -28.18 -2.72 -19.41
N PHE B 69 -28.27 -3.95 -19.88
CA PHE B 69 -29.36 -4.36 -20.74
C PHE B 69 -30.11 -5.56 -20.17
N ALA C 2 -29.25 -6.21 -6.60
CA ALA C 2 -28.79 -7.37 -7.36
C ALA C 2 -27.81 -6.92 -8.44
N PHE C 3 -27.99 -5.70 -8.93
CA PHE C 3 -27.06 -5.12 -9.88
C PHE C 3 -25.73 -4.82 -9.17
N LEU C 4 -25.83 -4.19 -8.00
CA LEU C 4 -24.68 -3.90 -7.17
C LEU C 4 -23.90 -5.18 -6.89
N GLY C 5 -24.57 -6.15 -6.29
CA GLY C 5 -23.97 -7.42 -5.94
C GLY C 5 -23.27 -8.12 -7.08
N ALA C 6 -23.98 -8.30 -8.19
CA ALA C 6 -23.41 -8.99 -9.34
C ALA C 6 -22.16 -8.28 -9.87
N ALA C 7 -22.12 -6.96 -9.71
CA ALA C 7 -21.00 -6.16 -10.16
C ALA C 7 -19.79 -6.34 -9.24
N ILE C 8 -20.03 -6.30 -7.94
CA ILE C 8 -18.98 -6.48 -6.96
C ILE C 8 -18.33 -7.85 -7.10
N ALA C 9 -19.17 -8.87 -7.27
CA ALA C 9 -18.68 -10.24 -7.40
C ALA C 9 -17.87 -10.44 -8.67
N ALA C 10 -18.32 -9.83 -9.77
CA ALA C 10 -17.64 -9.98 -11.05
C ALA C 10 -16.37 -9.13 -11.09
N GLY C 11 -16.45 -7.92 -10.57
CA GLY C 11 -15.31 -7.02 -10.52
C GLY C 11 -14.16 -7.60 -9.71
N LEU C 12 -14.47 -8.03 -8.49
CA LEU C 12 -13.46 -8.61 -7.63
C LEU C 12 -12.89 -9.91 -8.21
N ALA C 13 -13.76 -10.71 -8.84
CA ALA C 13 -13.30 -11.94 -9.49
C ALA C 13 -12.34 -11.62 -10.64
N ALA C 14 -12.63 -10.54 -11.35
CA ALA C 14 -11.78 -10.10 -12.45
C ALA C 14 -10.40 -9.73 -11.95
N VAL C 15 -10.36 -8.93 -10.89
CA VAL C 15 -9.10 -8.51 -10.30
C VAL C 15 -8.34 -9.72 -9.75
N ALA C 16 -9.05 -10.61 -9.09
CA ALA C 16 -8.46 -11.82 -8.52
C ALA C 16 -7.77 -12.67 -9.58
N GLY C 17 -8.54 -13.09 -10.58
CA GLY C 17 -8.05 -13.99 -11.61
C GLY C 17 -6.97 -13.40 -12.50
N ALA C 18 -7.16 -12.16 -12.93
CA ALA C 18 -6.18 -11.51 -13.80
C ALA C 18 -4.83 -11.36 -13.11
N ILE C 19 -4.83 -10.78 -11.92
CA ILE C 19 -3.59 -10.56 -11.16
C ILE C 19 -2.90 -11.88 -10.80
N ALA C 20 -3.68 -12.88 -10.43
CA ALA C 20 -3.14 -14.18 -10.09
C ALA C 20 -2.41 -14.79 -11.28
N VAL C 21 -3.09 -14.82 -12.42
CA VAL C 21 -2.49 -15.35 -13.65
C VAL C 21 -1.22 -14.59 -14.02
N ALA C 22 -1.30 -13.26 -13.98
CA ALA C 22 -0.17 -12.41 -14.29
C ALA C 22 1.05 -12.74 -13.44
N ILE C 23 0.82 -12.94 -12.14
CA ILE C 23 1.89 -13.30 -11.22
C ILE C 23 2.50 -14.65 -11.61
N ILE C 24 1.64 -15.63 -11.89
CA ILE C 24 2.11 -16.96 -12.25
C ILE C 24 2.84 -16.94 -13.58
N VAL C 25 2.26 -16.24 -14.55
CA VAL C 25 2.86 -16.13 -15.89
C VAL C 25 4.22 -15.43 -15.83
N LYS C 26 4.27 -14.33 -15.09
CA LYS C 26 5.52 -13.62 -14.85
C LYS C 26 6.60 -14.55 -14.29
N ALA C 27 6.21 -15.36 -13.30
CA ALA C 27 7.12 -16.32 -12.68
C ALA C 27 7.64 -17.30 -13.71
N THR C 28 6.75 -17.75 -14.61
CA THR C 28 7.12 -18.69 -15.65
C THR C 28 8.10 -18.05 -16.63
N ILE C 29 7.83 -16.80 -16.99
CA ILE C 29 8.71 -16.08 -17.90
C ILE C 29 10.10 -15.85 -17.30
N GLU C 30 10.15 -15.47 -16.03
CA GLU C 30 11.43 -15.26 -15.34
C GLU C 30 12.24 -16.55 -15.20
N GLY C 31 11.58 -17.65 -14.87
CA GLY C 31 12.26 -18.92 -14.72
C GLY C 31 12.81 -19.42 -16.04
N THR C 32 11.98 -19.33 -17.07
CA THR C 32 12.37 -19.74 -18.42
C THR C 32 13.57 -18.94 -18.89
N THR C 33 13.57 -17.65 -18.55
CA THR C 33 14.66 -16.77 -18.93
C THR C 33 15.98 -17.21 -18.29
N ARG C 34 15.91 -17.64 -17.03
CA ARG C 34 17.10 -18.04 -16.30
C ARG C 34 17.53 -19.48 -16.60
N GLN C 35 16.56 -20.36 -16.83
CA GLN C 35 16.86 -21.76 -17.12
C GLN C 35 15.99 -22.26 -18.27
N PRO C 36 16.36 -21.90 -19.51
CA PRO C 36 15.58 -22.23 -20.72
C PRO C 36 15.41 -23.74 -20.90
N GLU C 37 16.33 -24.51 -20.34
CA GLU C 37 16.23 -25.97 -20.37
C GLU C 37 14.99 -26.48 -19.62
N LEU C 38 14.46 -25.64 -18.73
CA LEU C 38 13.31 -26.03 -17.93
C LEU C 38 12.00 -25.51 -18.51
N ARG C 39 12.09 -24.93 -19.71
CA ARG C 39 10.95 -24.32 -20.41
C ARG C 39 9.64 -25.12 -20.29
N GLY C 40 9.70 -26.42 -20.56
CA GLY C 40 8.52 -27.26 -20.55
C GLY C 40 8.13 -27.74 -19.15
N THR C 41 9.09 -27.82 -18.25
CA THR C 41 8.81 -28.14 -16.86
C THR C 41 8.07 -26.98 -16.22
N LEU C 42 8.52 -25.77 -16.48
CA LEU C 42 7.93 -24.57 -15.93
C LEU C 42 6.55 -24.30 -16.53
N GLN C 43 6.41 -24.54 -17.83
CA GLN C 43 5.15 -24.33 -18.54
C GLN C 43 4.04 -25.23 -18.00
N THR C 44 4.43 -26.41 -17.52
CA THR C 44 3.47 -27.36 -16.94
C THR C 44 2.96 -26.84 -15.61
N LEU C 45 3.86 -26.26 -14.82
CA LEU C 45 3.49 -25.65 -13.54
C LEU C 45 2.53 -24.50 -13.77
N MET C 46 2.76 -23.75 -14.84
CA MET C 46 1.88 -22.65 -15.20
C MET C 46 0.50 -23.15 -15.57
N PHE C 47 0.46 -24.27 -16.28
CA PHE C 47 -0.80 -24.84 -16.75
C PHE C 47 -1.56 -25.56 -15.64
N ILE C 48 -0.87 -25.96 -14.58
CA ILE C 48 -1.54 -26.48 -13.40
C ILE C 48 -2.01 -25.33 -12.51
N GLY C 49 -1.11 -24.36 -12.30
CA GLY C 49 -1.38 -23.25 -11.41
C GLY C 49 -2.52 -22.34 -11.81
N VAL C 50 -2.56 -21.95 -13.08
CA VAL C 50 -3.57 -21.02 -13.57
C VAL C 50 -5.02 -21.44 -13.28
N PRO C 51 -5.43 -22.66 -13.69
CA PRO C 51 -6.81 -23.04 -13.39
C PRO C 51 -7.09 -23.16 -11.88
N LEU C 52 -6.08 -23.56 -11.11
CA LEU C 52 -6.22 -23.60 -9.65
C LEU C 52 -6.49 -22.20 -9.12
N ALA C 53 -5.75 -21.22 -9.63
CA ALA C 53 -5.92 -19.84 -9.21
C ALA C 53 -7.23 -19.24 -9.71
N GLU C 54 -7.72 -19.75 -10.85
CA GLU C 54 -8.94 -19.23 -11.46
C GLU C 54 -10.20 -19.89 -10.88
N ALA C 55 -10.01 -20.98 -10.16
CA ALA C 55 -11.12 -21.75 -9.60
C ALA C 55 -12.13 -20.90 -8.85
N VAL C 56 -11.74 -20.42 -7.68
CA VAL C 56 -12.61 -19.57 -6.88
C VAL C 56 -13.15 -18.33 -7.62
N PRO C 57 -12.28 -17.65 -8.40
CA PRO C 57 -12.81 -16.55 -9.24
C PRO C 57 -13.90 -16.99 -10.23
N ILE C 58 -13.77 -18.19 -10.79
CA ILE C 58 -14.78 -18.72 -11.69
C ILE C 58 -16.10 -18.93 -10.96
N ILE C 59 -16.04 -19.53 -9.77
CA ILE C 59 -17.23 -19.74 -8.97
C ILE C 59 -17.89 -18.42 -8.59
N ALA C 60 -17.09 -17.38 -8.37
CA ALA C 60 -17.61 -16.06 -8.04
C ALA C 60 -18.28 -15.42 -9.23
N ILE C 61 -17.88 -15.84 -10.43
CA ILE C 61 -18.52 -15.41 -11.66
C ILE C 61 -19.91 -16.04 -11.78
N VAL C 62 -19.98 -17.34 -11.50
CA VAL C 62 -21.25 -18.06 -11.47
C VAL C 62 -22.19 -17.40 -10.48
N ILE C 63 -21.69 -17.18 -9.26
CA ILE C 63 -22.46 -16.52 -8.21
C ILE C 63 -22.96 -15.15 -8.67
N SER C 64 -22.10 -14.43 -9.40
CA SER C 64 -22.47 -13.14 -9.96
C SER C 64 -23.69 -13.27 -10.88
N LEU C 65 -23.68 -14.31 -11.72
CA LEU C 65 -24.77 -14.57 -12.65
C LEU C 65 -26.05 -15.01 -11.92
N LEU C 66 -25.89 -15.90 -10.94
CA LEU C 66 -27.02 -16.35 -10.11
C LEU C 66 -27.70 -15.18 -9.42
N ILE C 67 -26.91 -14.20 -9.00
CA ILE C 67 -27.43 -12.98 -8.39
C ILE C 67 -28.26 -12.16 -9.39
N LEU C 68 -27.78 -12.09 -10.63
CA LEU C 68 -28.50 -11.38 -11.69
C LEU C 68 -29.70 -12.16 -12.20
N PHE C 69 -29.66 -13.48 -12.06
CA PHE C 69 -30.71 -14.34 -12.58
C PHE C 69 -31.29 -15.25 -11.50
N ALA D 2 -28.96 -9.39 0.76
CA ALA D 2 -28.53 -10.76 0.54
C ALA D 2 -27.68 -10.82 -0.73
N PHE D 3 -28.01 -9.95 -1.68
CA PHE D 3 -27.24 -9.83 -2.89
C PHE D 3 -25.88 -9.20 -2.60
N LEU D 4 -25.89 -8.15 -1.78
CA LEU D 4 -24.67 -7.50 -1.32
C LEU D 4 -23.80 -8.51 -0.57
N GLY D 5 -24.38 -9.13 0.45
CA GLY D 5 -23.68 -10.14 1.24
C GLY D 5 -23.04 -11.24 0.41
N ALA D 6 -23.85 -11.88 -0.44
CA ALA D 6 -23.35 -12.99 -1.25
C ALA D 6 -22.23 -12.54 -2.20
N ALA D 7 -22.28 -11.28 -2.60
CA ALA D 7 -21.24 -10.71 -3.46
C ALA D 7 -19.94 -10.50 -2.70
N ILE D 8 -20.04 -9.89 -1.52
CA ILE D 8 -18.87 -9.59 -0.70
C ILE D 8 -18.11 -10.85 -0.32
N ALA D 9 -18.84 -11.86 0.12
CA ALA D 9 -18.23 -13.12 0.53
C ALA D 9 -17.56 -13.84 -0.64
N ALA D 10 -18.19 -13.76 -1.82
CA ALA D 10 -17.66 -14.44 -3.00
C ALA D 10 -16.47 -13.68 -3.58
N GLY D 11 -16.59 -12.36 -3.67
CA GLY D 11 -15.53 -11.53 -4.19
C GLY D 11 -14.26 -11.61 -3.37
N LEU D 12 -14.40 -11.48 -2.06
CA LEU D 12 -13.24 -11.54 -1.17
C LEU D 12 -12.60 -12.93 -1.18
N ALA D 13 -13.43 -13.97 -1.23
CA ALA D 13 -12.92 -15.33 -1.30
C ALA D 13 -12.16 -15.55 -2.61
N ALA D 14 -12.62 -14.88 -3.66
CA ALA D 14 -11.95 -14.94 -4.95
C ALA D 14 -10.57 -14.33 -4.85
N VAL D 15 -10.50 -13.12 -4.32
CA VAL D 15 -9.22 -12.44 -4.15
C VAL D 15 -8.31 -13.27 -3.24
N ALA D 16 -8.87 -13.72 -2.12
CA ALA D 16 -8.14 -14.56 -1.17
C ALA D 16 -7.52 -15.77 -1.86
N GLY D 17 -8.35 -16.55 -2.54
CA GLY D 17 -7.93 -17.82 -3.09
C GLY D 17 -7.00 -17.68 -4.29
N ALA D 18 -7.34 -16.77 -5.20
CA ALA D 18 -6.51 -16.57 -6.38
C ALA D 18 -5.11 -16.13 -6.01
N ILE D 19 -4.99 -15.04 -5.25
CA ILE D 19 -3.70 -14.50 -4.86
C ILE D 19 -2.83 -15.51 -4.10
N ALA D 20 -3.45 -16.25 -3.18
CA ALA D 20 -2.74 -17.22 -2.36
C ALA D 20 -2.11 -18.30 -3.22
N VAL D 21 -2.91 -18.86 -4.12
CA VAL D 21 -2.44 -19.89 -5.03
C VAL D 21 -1.29 -19.36 -5.91
N ALA D 22 -1.49 -18.18 -6.46
CA ALA D 22 -0.48 -17.54 -7.30
C ALA D 22 0.83 -17.38 -6.55
N ILE D 23 0.74 -17.06 -5.27
CA ILE D 23 1.93 -16.91 -4.44
C ILE D 23 2.64 -18.24 -4.25
N ILE D 24 1.88 -19.29 -3.99
CA ILE D 24 2.44 -20.62 -3.80
C ILE D 24 3.03 -21.15 -5.12
N VAL D 25 2.25 -21.05 -6.19
CA VAL D 25 2.68 -21.52 -7.50
C VAL D 25 3.94 -20.79 -7.97
N LYS D 26 3.98 -19.48 -7.75
CA LYS D 26 5.16 -18.70 -8.09
C LYS D 26 6.39 -19.20 -7.34
N ALA D 27 6.23 -19.43 -6.04
CA ALA D 27 7.32 -19.92 -5.22
C ALA D 27 7.79 -21.28 -5.69
N THR D 28 6.86 -22.10 -6.17
CA THR D 28 7.20 -23.41 -6.70
C THR D 28 8.03 -23.30 -7.97
N ILE D 29 7.65 -22.35 -8.82
CA ILE D 29 8.36 -22.12 -10.08
C ILE D 29 9.78 -21.61 -9.83
N GLU D 30 9.90 -20.63 -8.94
CA GLU D 30 11.20 -20.07 -8.60
C GLU D 30 12.12 -21.13 -7.98
N GLY D 31 11.57 -21.91 -7.06
CA GLY D 31 12.34 -22.96 -6.42
C GLY D 31 12.83 -23.99 -7.43
N THR D 32 11.92 -24.42 -8.30
CA THR D 32 12.25 -25.42 -9.31
C THR D 32 13.33 -24.90 -10.26
N THR D 33 13.23 -23.62 -10.63
CA THR D 33 14.22 -22.98 -11.48
C THR D 33 15.62 -23.04 -10.86
N ARG D 34 15.68 -22.84 -9.54
CA ARG D 34 16.95 -22.84 -8.84
C ARG D 34 17.47 -24.24 -8.51
N GLN D 35 16.55 -25.15 -8.16
CA GLN D 35 16.93 -26.53 -7.89
C GLN D 35 16.00 -27.49 -8.63
N PRO D 36 16.28 -27.74 -9.92
CA PRO D 36 15.48 -28.62 -10.79
C PRO D 36 15.37 -30.03 -10.23
N GLU D 37 16.40 -30.46 -9.51
CA GLU D 37 16.43 -31.78 -8.90
C GLU D 37 15.43 -31.91 -7.76
N LEU D 38 14.83 -30.80 -7.34
CA LEU D 38 13.85 -30.81 -6.25
C LEU D 38 12.43 -30.60 -6.75
N ARG D 39 12.26 -30.59 -8.07
CA ARG D 39 10.96 -30.32 -8.69
C ARG D 39 9.82 -31.16 -8.11
N GLY D 40 10.09 -32.42 -7.80
CA GLY D 40 9.08 -33.30 -7.24
C GLY D 40 8.72 -32.94 -5.82
N THR D 41 9.73 -32.61 -5.02
CA THR D 41 9.53 -32.22 -3.64
C THR D 41 8.76 -30.91 -3.56
N LEU D 42 9.11 -29.97 -4.43
CA LEU D 42 8.45 -28.66 -4.46
C LEU D 42 7.02 -28.76 -4.98
N GLN D 43 6.81 -29.64 -5.96
CA GLN D 43 5.49 -29.86 -6.54
C GLN D 43 4.56 -30.44 -5.47
N THR D 44 5.10 -31.33 -4.64
CA THR D 44 4.33 -31.94 -3.56
C THR D 44 3.89 -30.87 -2.56
N LEU D 45 4.81 -29.96 -2.23
CA LEU D 45 4.51 -28.86 -1.32
C LEU D 45 3.44 -27.95 -1.91
N MET D 46 3.46 -27.76 -3.23
CA MET D 46 2.44 -26.97 -3.91
C MET D 46 1.09 -27.64 -3.79
N PHE D 47 1.07 -28.95 -3.95
CA PHE D 47 -0.19 -29.70 -3.92
C PHE D 47 -0.74 -29.84 -2.50
N ILE D 48 0.12 -29.69 -1.50
CA ILE D 48 -0.32 -29.65 -0.11
C ILE D 48 -0.78 -28.25 0.26
N GLY D 49 0.02 -27.26 -0.12
CA GLY D 49 -0.23 -25.88 0.25
C GLY D 49 -1.46 -25.25 -0.37
N VAL D 50 -1.72 -25.56 -1.64
CA VAL D 50 -2.85 -24.97 -2.36
C VAL D 50 -4.23 -25.25 -1.72
N PRO D 51 -4.56 -26.54 -1.47
CA PRO D 51 -5.87 -26.81 -0.86
C PRO D 51 -5.96 -26.22 0.55
N LEU D 52 -4.85 -26.14 1.25
CA LEU D 52 -4.82 -25.54 2.57
C LEU D 52 -5.16 -24.05 2.49
N ALA D 53 -4.62 -23.38 1.47
CA ALA D 53 -4.87 -21.96 1.28
C ALA D 53 -6.28 -21.69 0.77
N GLU D 54 -6.83 -22.64 0.02
CA GLU D 54 -8.16 -22.47 -0.57
C GLU D 54 -9.28 -22.86 0.40
N ALA D 55 -8.92 -23.54 1.49
CA ALA D 55 -9.90 -24.07 2.44
C ALA D 55 -10.91 -23.04 2.93
N VAL D 56 -10.42 -21.98 3.57
CA VAL D 56 -11.31 -20.93 4.05
C VAL D 56 -12.05 -20.15 2.93
N PRO D 57 -11.36 -19.84 1.82
CA PRO D 57 -12.09 -19.23 0.69
C PRO D 57 -13.25 -20.08 0.16
N ILE D 58 -13.04 -21.39 0.06
CA ILE D 58 -14.10 -22.30 -0.37
C ILE D 58 -15.28 -22.25 0.61
N ILE D 59 -14.98 -22.32 1.90
CA ILE D 59 -16.01 -22.20 2.93
C ILE D 59 -16.77 -20.88 2.80
N ALA D 60 -16.04 -19.80 2.52
CA ALA D 60 -16.64 -18.49 2.36
C ALA D 60 -17.59 -18.44 1.15
N ILE D 61 -17.30 -19.26 0.15
CA ILE D 61 -18.17 -19.37 -1.01
C ILE D 61 -19.43 -20.18 -0.68
N VAL D 62 -19.29 -21.22 0.13
CA VAL D 62 -20.45 -21.96 0.60
C VAL D 62 -21.37 -21.02 1.39
N ILE D 63 -20.77 -20.20 2.24
CA ILE D 63 -21.51 -19.20 2.99
C ILE D 63 -22.16 -18.20 2.05
N SER D 64 -21.48 -17.89 0.95
CA SER D 64 -22.03 -16.99 -0.07
C SER D 64 -23.31 -17.59 -0.63
N LEU D 65 -23.27 -18.89 -0.92
CA LEU D 65 -24.42 -19.59 -1.48
C LEU D 65 -25.55 -19.73 -0.45
N LEU D 66 -25.17 -19.94 0.81
CA LEU D 66 -26.16 -20.01 1.90
C LEU D 66 -26.89 -18.68 2.05
N ILE D 67 -26.22 -17.59 1.72
CA ILE D 67 -26.83 -16.26 1.74
C ILE D 67 -27.79 -16.09 0.57
N LEU D 68 -27.40 -16.57 -0.61
CA LEU D 68 -28.27 -16.52 -1.77
C LEU D 68 -29.46 -17.45 -1.63
N PHE D 69 -29.24 -18.59 -0.98
CA PHE D 69 -30.31 -19.57 -0.78
C PHE D 69 -30.43 -19.97 0.68
N ALA E 2 -27.77 -9.19 8.71
CA ALA E 2 -27.23 -10.50 9.06
C ALA E 2 -26.45 -11.07 7.88
N PHE E 3 -27.00 -10.88 6.68
CA PHE E 3 -26.33 -11.30 5.45
C PHE E 3 -25.02 -10.51 5.28
N LEU E 4 -25.14 -9.20 5.36
CA LEU E 4 -24.02 -8.29 5.22
C LEU E 4 -22.94 -8.59 6.25
N GLY E 5 -23.35 -8.84 7.49
CA GLY E 5 -22.43 -9.20 8.53
C GLY E 5 -21.72 -10.51 8.24
N ALA E 6 -22.50 -11.55 7.97
CA ALA E 6 -21.95 -12.89 7.72
C ALA E 6 -20.95 -12.87 6.57
N ALA E 7 -21.20 -12.01 5.59
CA ALA E 7 -20.31 -11.86 4.44
C ALA E 7 -18.98 -11.27 4.87
N ILE E 8 -19.03 -10.17 5.62
CA ILE E 8 -17.83 -9.49 6.08
C ILE E 8 -16.96 -10.41 6.92
N ALA E 9 -17.57 -11.11 7.86
CA ALA E 9 -16.85 -12.06 8.71
C ALA E 9 -16.19 -13.15 7.86
N ALA E 10 -16.96 -13.75 6.95
CA ALA E 10 -16.46 -14.85 6.13
C ALA E 10 -15.44 -14.38 5.10
N GLY E 11 -15.68 -13.21 4.50
CA GLY E 11 -14.79 -12.68 3.48
C GLY E 11 -13.42 -12.34 4.03
N LEU E 12 -13.40 -11.68 5.18
CA LEU E 12 -12.14 -11.29 5.81
C LEU E 12 -11.40 -12.52 6.32
N ALA E 13 -12.15 -13.52 6.79
CA ALA E 13 -11.55 -14.78 7.24
C ALA E 13 -10.83 -15.45 6.09
N ALA E 14 -11.49 -15.49 4.93
CA ALA E 14 -10.92 -16.06 3.72
C ALA E 14 -9.61 -15.39 3.37
N VAL E 15 -9.63 -14.06 3.32
CA VAL E 15 -8.42 -13.30 3.02
C VAL E 15 -7.34 -13.58 4.06
N ALA E 16 -7.73 -13.55 5.33
CA ALA E 16 -6.81 -13.82 6.43
C ALA E 16 -6.13 -15.18 6.29
N GLY E 17 -6.94 -16.23 6.15
CA GLY E 17 -6.44 -17.58 6.12
C GLY E 17 -5.60 -17.90 4.90
N ALA E 18 -6.13 -17.60 3.72
CA ALA E 18 -5.43 -17.86 2.46
C ALA E 18 -4.05 -17.22 2.42
N ILE E 19 -4.00 -15.92 2.68
CA ILE E 19 -2.74 -15.18 2.61
C ILE E 19 -1.72 -15.68 3.64
N ALA E 20 -2.18 -15.92 4.86
CA ALA E 20 -1.31 -16.43 5.92
C ALA E 20 -0.70 -17.77 5.52
N VAL E 21 -1.53 -18.66 5.00
CA VAL E 21 -1.07 -19.97 4.58
C VAL E 21 -0.08 -19.83 3.43
N ALA E 22 -0.43 -18.99 2.46
CA ALA E 22 0.45 -18.72 1.32
C ALA E 22 1.83 -18.28 1.77
N ILE E 23 1.88 -17.29 2.65
CA ILE E 23 3.15 -16.80 3.20
C ILE E 23 3.97 -17.94 3.82
N ILE E 24 3.31 -18.76 4.61
CA ILE E 24 3.97 -19.87 5.30
C ILE E 24 4.46 -20.95 4.33
N VAL E 25 3.59 -21.38 3.42
CA VAL E 25 3.94 -22.38 2.42
C VAL E 25 5.09 -21.90 1.55
N LYS E 26 5.00 -20.65 1.11
CA LYS E 26 6.05 -20.04 0.30
C LYS E 26 7.40 -20.05 1.01
N ALA E 27 7.40 -19.62 2.27
CA ALA E 27 8.60 -19.67 3.09
C ALA E 27 9.17 -21.08 3.15
N THR E 28 8.27 -22.08 3.22
CA THR E 28 8.69 -23.47 3.29
C THR E 28 9.36 -23.92 2.00
N ILE E 29 8.77 -23.53 0.88
CA ILE E 29 9.29 -23.89 -0.43
C ILE E 29 10.64 -23.22 -0.68
N GLU E 30 10.75 -21.95 -0.31
CA GLU E 30 12.01 -21.24 -0.44
C GLU E 30 13.09 -21.84 0.45
N GLY E 31 12.72 -22.18 1.69
CA GLY E 31 13.66 -22.79 2.61
C GLY E 31 14.12 -24.15 2.11
N THR E 32 13.18 -24.94 1.62
CA THR E 32 13.49 -26.29 1.16
C THR E 32 14.36 -26.21 -0.10
N THR E 33 14.16 -25.16 -0.90
CA THR E 33 14.97 -24.94 -2.08
C THR E 33 16.40 -24.59 -1.67
N ARG E 34 16.51 -23.80 -0.60
CA ARG E 34 17.80 -23.39 -0.09
C ARG E 34 18.49 -24.55 0.63
N GLN E 35 17.73 -25.27 1.45
CA GLN E 35 18.30 -26.35 2.25
C GLN E 35 17.44 -27.60 2.18
N PRO E 36 17.61 -28.38 1.09
CA PRO E 36 16.83 -29.60 0.84
C PRO E 36 16.95 -30.61 1.97
N GLU E 37 18.07 -30.58 2.68
CA GLU E 37 18.29 -31.49 3.80
C GLU E 37 17.43 -31.14 5.02
N LEU E 38 16.74 -30.00 4.96
CA LEU E 38 15.87 -29.57 6.07
C LEU E 38 14.41 -29.82 5.78
N ARG E 39 14.15 -30.55 4.68
CA ARG E 39 12.81 -30.97 4.26
C ARG E 39 11.85 -31.24 5.42
N GLY E 40 12.25 -32.14 6.32
CA GLY E 40 11.41 -32.57 7.42
C GLY E 40 11.09 -31.47 8.41
N THR E 41 12.11 -30.80 8.92
CA THR E 41 11.92 -29.74 9.90
C THR E 41 11.04 -28.62 9.35
N LEU E 42 11.35 -28.20 8.12
CA LEU E 42 10.60 -27.14 7.47
C LEU E 42 9.15 -27.55 7.24
N GLN E 43 8.95 -28.81 6.86
CA GLN E 43 7.62 -29.35 6.63
C GLN E 43 6.84 -29.38 7.94
N THR E 44 7.55 -29.62 9.05
CA THR E 44 6.93 -29.64 10.37
C THR E 44 6.47 -28.23 10.78
N LEU E 45 7.35 -27.25 10.59
CA LEU E 45 7.01 -25.86 10.89
C LEU E 45 5.79 -25.40 10.11
N MET E 46 5.71 -25.82 8.85
CA MET E 46 4.54 -25.55 8.03
C MET E 46 3.29 -26.20 8.60
N PHE E 47 3.42 -27.45 9.02
CA PHE E 47 2.28 -28.22 9.54
C PHE E 47 1.83 -27.71 10.91
N ILE E 48 2.74 -27.09 11.65
CA ILE E 48 2.37 -26.47 12.92
C ILE E 48 1.83 -25.07 12.68
N GLY E 49 2.52 -24.32 11.82
CA GLY E 49 2.18 -22.93 11.57
C GLY E 49 0.82 -22.72 10.92
N VAL E 50 0.53 -23.51 9.88
CA VAL E 50 -0.74 -23.36 9.16
C VAL E 50 -2.00 -23.39 10.06
N PRO E 51 -2.17 -24.44 10.88
CA PRO E 51 -3.35 -24.46 11.76
C PRO E 51 -3.38 -23.27 12.72
N LEU E 52 -2.21 -22.90 13.24
CA LEU E 52 -2.11 -21.74 14.12
C LEU E 52 -2.63 -20.49 13.43
N ALA E 53 -2.24 -20.31 12.17
CA ALA E 53 -2.69 -19.16 11.39
C ALA E 53 -4.18 -19.24 11.08
N GLU E 54 -4.69 -20.45 10.90
CA GLU E 54 -6.10 -20.65 10.54
C GLU E 54 -7.05 -20.55 11.73
N ALA E 55 -6.52 -20.73 12.93
CA ALA E 55 -7.33 -20.77 14.16
C ALA E 55 -8.37 -19.65 14.25
N VAL E 56 -7.89 -18.41 14.30
CA VAL E 56 -8.80 -17.28 14.41
C VAL E 56 -9.72 -17.08 13.18
N PRO E 57 -9.18 -17.25 11.95
CA PRO E 57 -10.07 -17.24 10.80
C PRO E 57 -11.16 -18.31 10.84
N ILE E 58 -10.82 -19.52 11.29
CA ILE E 58 -11.81 -20.57 11.48
C ILE E 58 -12.90 -20.11 12.46
N ILE E 59 -12.50 -19.54 13.58
CA ILE E 59 -13.46 -19.04 14.56
C ILE E 59 -14.36 -17.95 13.97
N ALA E 60 -13.77 -17.09 13.15
CA ALA E 60 -14.56 -16.05 12.49
C ALA E 60 -15.57 -16.65 11.51
N ILE E 61 -15.22 -17.79 10.93
CA ILE E 61 -16.14 -18.53 10.07
C ILE E 61 -17.34 -19.02 10.87
N VAL E 62 -17.07 -19.57 12.06
CA VAL E 62 -18.13 -20.04 12.94
C VAL E 62 -19.05 -18.89 13.30
N ILE E 63 -18.46 -17.77 13.67
CA ILE E 63 -19.21 -16.56 13.99
C ILE E 63 -20.07 -16.11 12.81
N SER E 64 -19.53 -16.22 11.60
CA SER E 64 -20.28 -15.91 10.40
C SER E 64 -21.55 -16.76 10.31
N LEU E 65 -21.42 -18.03 10.65
CA LEU E 65 -22.55 -18.95 10.66
C LEU E 65 -23.55 -18.59 11.76
N LEU E 66 -23.04 -18.28 12.95
CA LEU E 66 -23.88 -17.86 14.07
C LEU E 66 -24.70 -16.62 13.73
N ILE E 67 -24.09 -15.69 12.99
CA ILE E 67 -24.80 -14.51 12.51
C ILE E 67 -25.89 -14.93 11.53
N LEU E 68 -25.55 -15.84 10.63
CA LEU E 68 -26.47 -16.28 9.59
C LEU E 68 -27.59 -17.15 10.15
N PHE E 69 -27.29 -17.86 11.23
CA PHE E 69 -28.24 -18.77 11.84
C PHE E 69 -28.55 -18.36 13.28
N ALA F 2 -25.74 -5.25 15.50
CA ALA F 2 -24.98 -6.22 16.27
C ALA F 2 -24.33 -7.25 15.35
N PHE F 3 -25.05 -7.63 14.29
CA PHE F 3 -24.52 -8.55 13.30
C PHE F 3 -23.29 -7.94 12.62
N LEU F 4 -23.44 -6.72 12.14
CA LEU F 4 -22.37 -6.00 11.47
C LEU F 4 -21.19 -5.77 12.41
N GLY F 5 -21.48 -5.34 13.64
CA GLY F 5 -20.46 -5.15 14.65
C GLY F 5 -19.69 -6.44 14.93
N ALA F 6 -20.40 -7.52 15.18
CA ALA F 6 -19.76 -8.81 15.49
C ALA F 6 -18.87 -9.26 14.34
N ALA F 7 -19.26 -8.90 13.12
CA ALA F 7 -18.54 -9.32 11.92
C ALA F 7 -17.24 -8.53 11.75
N ILE F 8 -17.31 -7.23 12.04
CA ILE F 8 -16.14 -6.37 11.97
C ILE F 8 -15.07 -6.81 12.96
N ALA F 9 -15.48 -7.06 14.20
CA ALA F 9 -14.54 -7.48 15.24
C ALA F 9 -13.89 -8.81 14.89
N ALA F 10 -14.70 -9.81 14.59
CA ALA F 10 -14.21 -11.15 14.25
C ALA F 10 -13.35 -11.12 12.99
N GLY F 11 -13.81 -10.39 11.97
CA GLY F 11 -13.10 -10.31 10.70
C GLY F 11 -11.73 -9.68 10.82
N LEU F 12 -11.64 -8.56 11.54
CA LEU F 12 -10.35 -7.91 11.74
C LEU F 12 -9.48 -8.74 12.68
N ALA F 13 -10.09 -9.43 13.63
CA ALA F 13 -9.35 -10.31 14.53
C ALA F 13 -8.71 -11.44 13.74
N ALA F 14 -9.44 -11.95 12.74
CA ALA F 14 -8.93 -13.00 11.87
C ALA F 14 -7.73 -12.52 11.08
N VAL F 15 -7.89 -11.38 10.43
CA VAL F 15 -6.79 -10.79 9.66
C VAL F 15 -5.59 -10.57 10.55
N ALA F 16 -5.83 -10.00 11.73
CA ALA F 16 -4.78 -9.72 12.69
C ALA F 16 -3.99 -10.96 13.08
N GLY F 17 -4.71 -11.97 13.58
CA GLY F 17 -4.08 -13.17 14.10
C GLY F 17 -3.37 -13.99 13.03
N ALA F 18 -4.05 -14.18 11.90
CA ALA F 18 -3.50 -15.01 10.83
C ALA F 18 -2.20 -14.44 10.31
N ILE F 19 -2.21 -13.16 9.94
CA ILE F 19 -1.04 -12.53 9.37
C ILE F 19 0.13 -12.49 10.34
N ALA F 20 -0.15 -12.12 11.59
CA ALA F 20 0.88 -12.06 12.62
C ALA F 20 1.56 -13.42 12.78
N VAL F 21 0.77 -14.47 12.85
CA VAL F 21 1.32 -15.82 12.96
C VAL F 21 2.20 -16.13 11.77
N ALA F 22 1.70 -15.82 10.58
CA ALA F 22 2.45 -16.07 9.35
C ALA F 22 3.80 -15.36 9.37
N ILE F 23 3.81 -14.10 9.80
CA ILE F 23 5.06 -13.36 9.90
C ILE F 23 6.04 -14.05 10.87
N ILE F 24 5.52 -14.49 12.01
CA ILE F 24 6.35 -15.16 13.01
C ILE F 24 6.88 -16.50 12.49
N VAL F 25 5.99 -17.31 11.92
CA VAL F 25 6.36 -18.62 11.40
C VAL F 25 7.35 -18.51 10.24
N LYS F 26 7.11 -17.56 9.34
CA LYS F 26 8.02 -17.30 8.23
C LYS F 26 9.43 -16.92 8.73
N ALA F 27 9.48 -16.07 9.73
CA ALA F 27 10.74 -15.68 10.35
C ALA F 27 11.46 -16.90 10.92
N THR F 28 10.69 -17.82 11.51
CA THR F 28 11.24 -19.02 12.12
C THR F 28 11.79 -19.96 11.06
N ILE F 29 11.04 -20.12 9.99
CA ILE F 29 11.48 -20.94 8.87
C ILE F 29 12.75 -20.38 8.22
N GLU F 30 12.78 -19.08 8.00
CA GLU F 30 13.94 -18.44 7.39
C GLU F 30 15.18 -18.52 8.27
N GLY F 31 15.01 -18.26 9.55
CA GLY F 31 16.11 -18.36 10.49
C GLY F 31 16.64 -19.79 10.52
N THR F 32 15.72 -20.75 10.57
CA THR F 32 16.09 -22.15 10.62
C THR F 32 16.86 -22.56 9.37
N THR F 33 16.40 -22.07 8.21
CA THR F 33 17.06 -22.37 6.94
C THR F 33 18.48 -21.81 6.92
N ARG F 34 18.66 -20.64 7.51
CA ARG F 34 19.99 -20.04 7.57
C ARG F 34 20.92 -20.70 8.58
N GLN F 35 20.39 -21.05 9.75
CA GLN F 35 21.20 -21.72 10.77
C GLN F 35 20.43 -22.90 11.36
N PRO F 36 20.53 -24.07 10.72
CA PRO F 36 19.77 -25.26 11.11
C PRO F 36 20.03 -25.67 12.56
N GLU F 37 21.19 -25.32 13.09
CA GLU F 37 21.54 -25.67 14.46
C GLU F 37 20.72 -24.90 15.49
N LEU F 38 20.01 -23.88 15.02
CA LEU F 38 19.21 -23.04 15.91
C LEU F 38 17.73 -23.42 15.87
N ARG F 39 17.41 -24.52 15.20
CA ARG F 39 16.01 -24.90 14.96
C ARG F 39 15.18 -24.99 16.24
N GLY F 40 15.75 -25.58 17.30
CA GLY F 40 15.05 -25.66 18.57
C GLY F 40 14.92 -24.29 19.20
N THR F 41 15.97 -23.50 19.08
CA THR F 41 16.00 -22.15 19.63
C THR F 41 14.91 -21.26 19.01
N LEU F 42 14.78 -21.32 17.69
CA LEU F 42 13.83 -20.48 16.98
C LEU F 42 12.41 -20.97 17.17
N GLN F 43 12.26 -22.28 17.22
CA GLN F 43 10.98 -22.91 17.48
C GLN F 43 10.44 -22.43 18.84
N THR F 44 11.31 -22.36 19.84
CA THR F 44 10.91 -21.89 21.16
C THR F 44 10.40 -20.44 21.11
N LEU F 45 11.10 -19.59 20.37
CA LEU F 45 10.67 -18.20 20.20
C LEU F 45 9.32 -18.12 19.48
N MET F 46 9.11 -19.00 18.51
CA MET F 46 7.83 -19.07 17.82
C MET F 46 6.71 -19.44 18.80
N PHE F 47 6.97 -20.46 19.62
CA PHE F 47 6.00 -20.93 20.60
C PHE F 47 5.69 -19.89 21.65
N ILE F 48 6.63 -19.00 21.93
CA ILE F 48 6.36 -17.88 22.83
C ILE F 48 5.63 -16.75 22.08
N GLY F 49 6.12 -16.45 20.88
CA GLY F 49 5.60 -15.33 20.10
C GLY F 49 4.16 -15.46 19.65
N VAL F 50 3.81 -16.62 19.10
CA VAL F 50 2.46 -16.83 18.58
C VAL F 50 1.33 -16.52 19.57
N PRO F 51 1.35 -17.11 20.78
CA PRO F 51 0.29 -16.79 21.74
C PRO F 51 0.24 -15.31 22.07
N LEU F 52 1.42 -14.70 22.21
CA LEU F 52 1.51 -13.27 22.45
C LEU F 52 0.79 -12.49 21.34
N ALA F 53 1.05 -12.86 20.09
CA ALA F 53 0.43 -12.19 18.95
C ALA F 53 -1.06 -12.48 18.84
N GLU F 54 -1.46 -13.69 19.21
CA GLU F 54 -2.86 -14.12 19.10
C GLU F 54 -3.73 -13.56 20.23
N ALA F 55 -3.11 -13.13 21.33
CA ALA F 55 -3.83 -12.72 22.53
C ALA F 55 -4.96 -11.72 22.28
N VAL F 56 -4.60 -10.54 21.80
CA VAL F 56 -5.60 -9.50 21.53
C VAL F 56 -6.65 -9.88 20.47
N PRO F 57 -6.24 -10.53 19.36
CA PRO F 57 -7.25 -11.01 18.41
C PRO F 57 -8.26 -11.97 19.05
N ILE F 58 -7.79 -12.82 19.96
CA ILE F 58 -8.65 -13.73 20.68
C ILE F 58 -9.65 -12.97 21.56
N ILE F 59 -9.16 -11.93 22.24
CA ILE F 59 -10.03 -11.10 23.06
C ILE F 59 -11.07 -10.36 22.21
N ALA F 60 -10.69 -9.96 21.01
CA ALA F 60 -11.63 -9.32 20.09
C ALA F 60 -12.66 -10.33 19.59
N ILE F 61 -12.25 -11.59 19.48
CA ILE F 61 -13.18 -12.66 19.13
C ILE F 61 -14.24 -12.79 20.21
N VAL F 62 -13.80 -12.79 21.46
CA VAL F 62 -14.71 -12.87 22.59
C VAL F 62 -15.69 -11.69 22.59
N ILE F 63 -15.15 -10.49 22.34
CA ILE F 63 -15.98 -9.29 22.26
C ILE F 63 -16.98 -9.42 21.11
N SER F 64 -16.54 -10.00 20.00
CA SER F 64 -17.42 -10.26 18.86
C SER F 64 -18.63 -11.11 19.28
N LEU F 65 -18.37 -12.13 20.08
CA LEU F 65 -19.44 -12.99 20.60
C LEU F 65 -20.34 -12.25 21.58
N LEU F 66 -19.76 -11.38 22.42
CA LEU F 66 -20.53 -10.59 23.37
C LEU F 66 -21.47 -9.62 22.66
N ILE F 67 -21.01 -9.10 21.52
CA ILE F 67 -21.84 -8.25 20.68
C ILE F 67 -23.01 -9.04 20.10
N LEU F 68 -22.73 -10.25 19.63
CA LEU F 68 -23.76 -11.10 19.02
C LEU F 68 -24.79 -11.55 20.04
N PHE F 69 -24.33 -12.10 21.15
CA PHE F 69 -25.23 -12.62 22.19
C PHE F 69 -25.35 -11.65 23.36
N ALA G 2 -23.47 1.40 19.32
CA ALA G 2 -22.59 0.93 20.38
C ALA G 2 -21.92 -0.36 19.94
N PHE G 3 -22.68 -1.23 19.30
CA PHE G 3 -22.13 -2.48 18.77
C PHE G 3 -21.04 -2.17 17.73
N LEU G 4 -21.31 -1.21 16.87
CA LEU G 4 -20.38 -0.80 15.83
C LEU G 4 -19.10 -0.20 16.41
N GLY G 5 -19.24 0.64 17.44
CA GLY G 5 -18.10 1.23 18.11
C GLY G 5 -17.24 0.20 18.81
N ALA G 6 -17.87 -0.68 19.58
CA ALA G 6 -17.14 -1.70 20.32
C ALA G 6 -16.30 -2.55 19.37
N ALA G 7 -16.86 -2.83 18.21
CA ALA G 7 -16.22 -3.66 17.20
C ALA G 7 -15.00 -2.96 16.62
N ILE G 8 -15.18 -1.69 16.25
CA ILE G 8 -14.10 -0.90 15.68
C ILE G 8 -12.93 -0.74 16.64
N ALA G 9 -13.22 -0.49 17.91
CA ALA G 9 -12.16 -0.36 18.91
C ALA G 9 -11.43 -1.69 19.09
N ALA G 10 -12.19 -2.78 19.07
CA ALA G 10 -11.64 -4.11 19.31
C ALA G 10 -10.87 -4.61 18.10
N GLY G 11 -11.47 -4.48 16.94
CA GLY G 11 -10.85 -4.90 15.69
C GLY G 11 -9.54 -4.20 15.39
N LEU G 12 -9.52 -2.88 15.54
CA LEU G 12 -8.29 -2.12 15.32
C LEU G 12 -7.24 -2.49 16.37
N ALA G 13 -7.67 -2.66 17.62
CA ALA G 13 -6.76 -3.08 18.69
C ALA G 13 -6.12 -4.43 18.34
N ALA G 14 -6.91 -5.34 17.80
CA ALA G 14 -6.42 -6.65 17.40
C ALA G 14 -5.35 -6.53 16.33
N VAL G 15 -5.65 -5.76 15.28
CA VAL G 15 -4.70 -5.56 14.20
C VAL G 15 -3.42 -4.93 14.74
N ALA G 16 -3.60 -3.88 15.55
CA ALA G 16 -2.47 -3.16 16.14
C ALA G 16 -1.55 -4.05 16.96
N GLY G 17 -2.13 -4.77 17.92
CA GLY G 17 -1.34 -5.58 18.85
C GLY G 17 -0.70 -6.81 18.24
N ALA G 18 -1.46 -7.54 17.43
CA ALA G 18 -0.95 -8.75 16.79
C ALA G 18 0.23 -8.44 15.88
N ILE G 19 0.08 -7.42 15.03
CA ILE G 19 1.12 -7.09 14.08
C ILE G 19 2.35 -6.49 14.76
N ALA G 20 2.13 -5.66 15.76
CA ALA G 20 3.23 -5.11 16.55
C ALA G 20 4.06 -6.23 17.19
N VAL G 21 3.39 -7.20 17.78
CA VAL G 21 4.08 -8.33 18.40
C VAL G 21 4.86 -9.11 17.35
N ALA G 22 4.21 -9.39 16.22
CA ALA G 22 4.84 -10.13 15.13
C ALA G 22 6.12 -9.44 14.66
N ILE G 23 6.05 -8.13 14.51
CA ILE G 23 7.23 -7.35 14.11
C ILE G 23 8.35 -7.51 15.14
N ILE G 24 8.00 -7.43 16.42
CA ILE G 24 9.00 -7.53 17.47
C ILE G 24 9.60 -8.94 17.56
N VAL G 25 8.73 -9.96 17.50
CA VAL G 25 9.17 -11.34 17.56
C VAL G 25 10.06 -11.69 16.36
N LYS G 26 9.63 -11.27 15.18
CA LYS G 26 10.41 -11.45 13.96
C LYS G 26 11.83 -10.87 14.11
N ALA G 27 11.92 -9.67 14.67
CA ALA G 27 13.22 -9.04 14.90
C ALA G 27 14.05 -9.86 15.88
N THR G 28 13.40 -10.39 16.91
CA THR G 28 14.08 -11.21 17.90
C THR G 28 14.60 -12.51 17.29
N ILE G 29 13.79 -13.11 16.42
CA ILE G 29 14.18 -14.32 15.72
C ILE G 29 15.35 -14.06 14.76
N GLU G 30 15.30 -12.96 14.03
CA GLU G 30 16.37 -12.61 13.11
C GLU G 30 17.66 -12.25 13.85
N GLY G 31 17.54 -11.53 14.95
CA GLY G 31 18.70 -11.16 15.73
C GLY G 31 19.38 -12.39 16.32
N THR G 32 18.57 -13.27 16.88
CA THR G 32 19.09 -14.48 17.51
C THR G 32 19.74 -15.37 16.47
N THR G 33 19.21 -15.35 15.25
CA THR G 33 19.78 -16.10 14.15
C THR G 33 21.18 -15.60 13.81
N ARG G 34 21.36 -14.28 13.85
CA ARG G 34 22.66 -13.69 13.56
C ARG G 34 23.62 -13.81 14.74
N GLN G 35 23.10 -13.60 15.95
CA GLN G 35 23.94 -13.53 17.14
C GLN G 35 23.32 -14.30 18.30
N PRO G 36 23.45 -15.64 18.30
CA PRO G 36 22.80 -16.53 19.27
C PRO G 36 23.25 -16.33 20.71
N GLU G 37 24.50 -15.93 20.91
CA GLU G 37 25.00 -15.64 22.25
C GLU G 37 24.29 -14.44 22.89
N LEU G 38 23.55 -13.69 22.07
CA LEU G 38 22.82 -12.52 22.55
C LEU G 38 21.34 -12.80 22.81
N ARG G 39 20.93 -14.07 22.72
CA ARG G 39 19.51 -14.39 22.81
C ARG G 39 18.85 -13.87 24.09
N GLY G 40 19.55 -14.00 25.21
CA GLY G 40 19.06 -13.48 26.47
C GLY G 40 18.82 -11.99 26.41
N THR G 41 19.78 -11.27 25.82
CA THR G 41 19.64 -9.83 25.65
C THR G 41 18.45 -9.50 24.76
N LEU G 42 18.35 -10.19 23.63
CA LEU G 42 17.27 -9.95 22.67
C LEU G 42 15.90 -10.31 23.25
N GLN G 43 15.84 -11.41 23.99
CA GLN G 43 14.61 -11.82 24.67
C GLN G 43 14.12 -10.76 25.65
N THR G 44 15.04 -10.19 26.41
CA THR G 44 14.69 -9.15 27.37
C THR G 44 14.09 -7.96 26.64
N LEU G 45 14.67 -7.63 25.48
CA LEU G 45 14.16 -6.56 24.65
C LEU G 45 12.77 -6.90 24.12
N MET G 46 12.56 -8.16 23.77
CA MET G 46 11.24 -8.62 23.33
C MET G 46 10.22 -8.58 24.46
N PHE G 47 10.66 -8.93 25.67
CA PHE G 47 9.74 -8.97 26.82
C PHE G 47 9.44 -7.58 27.39
N ILE G 48 10.29 -6.60 27.05
CA ILE G 48 10.00 -5.21 27.39
C ILE G 48 9.16 -4.57 26.28
N GLY G 49 9.56 -4.83 25.05
CA GLY G 49 8.89 -4.26 23.88
C GLY G 49 7.44 -4.66 23.72
N VAL G 50 7.15 -5.95 23.89
CA VAL G 50 5.79 -6.46 23.71
C VAL G 50 4.72 -5.77 24.58
N PRO G 51 4.91 -5.71 25.91
CA PRO G 51 3.89 -5.03 26.73
C PRO G 51 3.76 -3.57 26.35
N LEU G 52 4.88 -2.91 26.08
CA LEU G 52 4.87 -1.52 25.66
C LEU G 52 4.03 -1.36 24.40
N ALA G 53 4.21 -2.27 23.46
CA ALA G 53 3.45 -2.25 22.21
C ALA G 53 1.98 -2.59 22.43
N GLU G 54 1.71 -3.49 23.38
CA GLU G 54 0.34 -3.91 23.67
C GLU G 54 -0.46 -2.90 24.51
N ALA G 55 0.25 -1.97 25.13
CA ALA G 55 -0.36 -1.04 26.09
C ALA G 55 -1.62 -0.35 25.58
N VAL G 56 -1.49 0.45 24.53
CA VAL G 56 -2.64 1.16 23.96
C VAL G 56 -3.72 0.24 23.37
N PRO G 57 -3.32 -0.83 22.64
CA PRO G 57 -4.36 -1.77 22.19
C PRO G 57 -5.18 -2.35 23.35
N ILE G 58 -4.54 -2.61 24.48
CA ILE G 58 -5.24 -3.10 25.66
C ILE G 58 -6.24 -2.07 26.18
N ILE G 59 -5.83 -0.81 26.24
CA ILE G 59 -6.74 0.26 26.66
C ILE G 59 -7.92 0.37 25.69
N ALA G 60 -7.67 0.15 24.41
CA ALA G 60 -8.73 0.19 23.40
C ALA G 60 -9.70 -0.97 23.60
N ILE G 61 -9.17 -2.12 24.02
CA ILE G 61 -10.02 -3.25 24.38
C ILE G 61 -10.92 -2.87 25.56
N VAL G 62 -10.31 -2.30 26.61
CA VAL G 62 -11.07 -1.86 27.77
C VAL G 62 -12.15 -0.87 27.35
N ILE G 63 -11.77 0.11 26.55
CA ILE G 63 -12.72 1.09 26.02
C ILE G 63 -13.83 0.39 25.24
N SER G 64 -13.48 -0.66 24.51
CA SER G 64 -14.46 -1.45 23.78
C SER G 64 -15.50 -2.05 24.74
N LEU G 65 -15.02 -2.62 25.84
CA LEU G 65 -15.91 -3.23 26.83
C LEU G 65 -16.78 -2.19 27.53
N LEU G 66 -16.20 -1.03 27.85
CA LEU G 66 -16.93 0.07 28.49
C LEU G 66 -18.07 0.57 27.60
N ILE G 67 -17.88 0.46 26.29
CA ILE G 67 -18.94 0.80 25.33
C ILE G 67 -20.08 -0.22 25.40
N LEU G 68 -19.74 -1.47 25.66
CA LEU G 68 -20.73 -2.54 25.71
C LEU G 68 -21.38 -2.70 27.09
N PHE G 69 -20.66 -2.32 28.13
CA PHE G 69 -21.15 -2.51 29.49
C PHE G 69 -20.96 -1.25 30.35
N ALA H 2 -21.06 9.14 20.33
CA ALA H 2 -20.04 9.15 21.38
C ALA H 2 -19.31 7.81 21.37
N PHE H 3 -20.08 6.74 21.11
CA PHE H 3 -19.53 5.39 21.04
C PHE H 3 -18.63 5.23 19.80
N LEU H 4 -19.13 5.68 18.66
CA LEU H 4 -18.37 5.61 17.42
C LEU H 4 -17.11 6.49 17.55
N GLY H 5 -17.30 7.70 18.06
CA GLY H 5 -16.20 8.61 18.29
C GLY H 5 -15.13 8.04 19.21
N ALA H 6 -15.54 7.54 20.37
CA ALA H 6 -14.61 6.95 21.33
C ALA H 6 -13.83 5.80 20.69
N ALA H 7 -14.53 5.01 19.89
CA ALA H 7 -13.93 3.86 19.23
C ALA H 7 -12.87 4.26 18.23
N ILE H 8 -13.23 5.22 17.37
CA ILE H 8 -12.33 5.67 16.32
C ILE H 8 -11.04 6.24 16.92
N ALA H 9 -11.20 7.08 17.93
CA ALA H 9 -10.07 7.66 18.63
C ALA H 9 -9.18 6.57 19.25
N ALA H 10 -9.81 5.66 19.98
CA ALA H 10 -9.08 4.59 20.66
C ALA H 10 -8.47 3.59 19.69
N GLY H 11 -9.19 3.31 18.60
CA GLY H 11 -8.73 2.36 17.61
C GLY H 11 -7.51 2.86 16.86
N LEU H 12 -7.57 4.11 16.41
CA LEU H 12 -6.44 4.70 15.70
C LEU H 12 -5.24 4.89 16.63
N ALA H 13 -5.49 5.35 17.86
CA ALA H 13 -4.42 5.52 18.85
C ALA H 13 -3.70 4.19 19.07
N ALA H 14 -4.46 3.10 19.07
CA ALA H 14 -3.92 1.77 19.28
C ALA H 14 -3.00 1.36 18.13
N VAL H 15 -3.48 1.54 16.90
CA VAL H 15 -2.64 1.28 15.74
C VAL H 15 -1.39 2.15 15.80
N ALA H 16 -1.60 3.45 16.04
CA ALA H 16 -0.51 4.42 16.11
C ALA H 16 0.58 4.00 17.09
N GLY H 17 0.18 3.76 18.34
CA GLY H 17 1.13 3.44 19.38
C GLY H 17 1.83 2.10 19.18
N ALA H 18 1.05 1.06 18.94
CA ALA H 18 1.59 -0.30 18.80
C ALA H 18 2.65 -0.37 17.69
N ILE H 19 2.31 0.13 16.51
CA ILE H 19 3.24 0.10 15.39
C ILE H 19 4.48 0.96 15.66
N ALA H 20 4.27 2.15 16.24
CA ALA H 20 5.40 3.04 16.56
C ALA H 20 6.37 2.35 17.50
N VAL H 21 5.85 1.75 18.55
CA VAL H 21 6.69 1.04 19.51
C VAL H 21 7.44 -0.11 18.84
N ALA H 22 6.72 -0.88 18.04
CA ALA H 22 7.29 -2.05 17.37
C ALA H 22 8.46 -1.66 16.47
N ILE H 23 8.28 -0.59 15.70
CA ILE H 23 9.34 -0.08 14.84
C ILE H 23 10.59 0.33 15.64
N ILE H 24 10.37 1.03 16.76
CA ILE H 24 11.47 1.45 17.61
C ILE H 24 12.17 0.25 18.25
N VAL H 25 11.38 -0.69 18.78
CA VAL H 25 11.92 -1.88 19.42
C VAL H 25 12.70 -2.74 18.42
N LYS H 26 12.14 -2.90 17.23
CA LYS H 26 12.82 -3.63 16.16
C LYS H 26 14.18 -3.04 15.84
N ALA H 27 14.23 -1.72 15.70
CA ALA H 27 15.48 -1.01 15.43
C ALA H 27 16.51 -1.29 16.51
N THR H 28 16.06 -1.26 17.76
CA THR H 28 16.94 -1.51 18.90
C THR H 28 17.49 -2.93 18.87
N ILE H 29 16.63 -3.89 18.58
CA ILE H 29 17.03 -5.28 18.47
C ILE H 29 18.00 -5.50 17.30
N GLU H 30 17.73 -4.85 16.17
CA GLU H 30 18.64 -4.93 15.03
C GLU H 30 19.99 -4.30 15.34
N GLY H 31 19.95 -3.14 15.98
CA GLY H 31 21.17 -2.43 16.33
C GLY H 31 22.00 -3.19 17.33
N THR H 32 21.34 -3.71 18.36
CA THR H 32 22.02 -4.46 19.41
C THR H 32 22.66 -5.72 18.85
N THR H 33 21.96 -6.34 17.90
CA THR H 33 22.47 -7.53 17.22
C THR H 33 23.73 -7.18 16.42
N ARG H 34 23.72 -5.99 15.84
CA ARG H 34 24.79 -5.55 14.94
C ARG H 34 25.98 -5.00 15.74
N GLN H 35 25.70 -4.39 16.88
CA GLN H 35 26.77 -3.85 17.74
C GLN H 35 26.43 -4.06 19.21
N PRO H 36 26.69 -5.27 19.72
CA PRO H 36 26.34 -5.65 21.09
C PRO H 36 26.95 -4.74 22.15
N GLU H 37 28.09 -4.14 21.85
CA GLU H 37 28.74 -3.23 22.80
C GLU H 37 27.93 -1.94 22.97
N LEU H 38 27.04 -1.67 22.01
CA LEU H 38 26.22 -0.46 22.05
C LEU H 38 24.87 -0.71 22.73
N ARG H 39 24.68 -1.91 23.28
CA ARG H 39 23.39 -2.32 23.83
C ARG H 39 22.79 -1.35 24.84
N GLY H 40 23.64 -0.71 25.64
CA GLY H 40 23.18 0.23 26.64
C GLY H 40 22.75 1.54 26.01
N THR H 41 23.52 1.98 25.02
CA THR H 41 23.21 3.20 24.30
C THR H 41 21.88 3.07 23.57
N LEU H 42 21.72 1.95 22.85
CA LEU H 42 20.51 1.72 22.07
C LEU H 42 19.29 1.54 22.97
N GLN H 43 19.48 0.91 24.13
CA GLN H 43 18.41 0.73 25.10
C GLN H 43 17.92 2.07 25.65
N THR H 44 18.86 3.01 25.81
CA THR H 44 18.52 4.35 26.28
C THR H 44 17.67 5.07 25.23
N LEU H 45 18.08 4.98 23.97
CA LEU H 45 17.33 5.57 22.87
C LEU H 45 15.92 4.98 22.77
N MET H 46 15.82 3.65 22.93
CA MET H 46 14.52 2.99 22.97
C MET H 46 13.65 3.51 24.12
N PHE H 47 14.26 3.73 25.28
CA PHE H 47 13.53 4.21 26.44
C PHE H 47 13.15 5.68 26.36
N ILE H 48 13.85 6.43 25.52
CA ILE H 48 13.48 7.82 25.26
C ILE H 48 12.46 7.88 24.13
N GLY H 49 12.69 7.07 23.09
CA GLY H 49 11.85 7.08 21.91
C GLY H 49 10.42 6.61 22.14
N VAL H 50 10.26 5.52 22.87
CA VAL H 50 8.93 4.95 23.11
C VAL H 50 7.93 5.92 23.75
N PRO H 51 8.31 6.60 24.86
CA PRO H 51 7.36 7.57 25.42
C PRO H 51 7.04 8.71 24.45
N LEU H 52 8.03 9.17 23.71
CA LEU H 52 7.81 10.22 22.72
C LEU H 52 6.79 9.76 21.68
N ALA H 53 6.99 8.54 21.17
CA ALA H 53 6.09 7.99 20.16
C ALA H 53 4.68 7.78 20.72
N GLU H 54 4.60 7.44 22.00
CA GLU H 54 3.31 7.14 22.63
C GLU H 54 2.57 8.38 23.13
N ALA H 55 3.27 9.52 23.19
CA ALA H 55 2.72 10.75 23.73
C ALA H 55 1.36 11.12 23.14
N VAL H 56 1.30 11.29 21.82
CA VAL H 56 0.06 11.68 21.16
C VAL H 56 -1.02 10.59 21.15
N PRO H 57 -0.64 9.31 20.95
CA PRO H 57 -1.66 8.27 21.11
C PRO H 57 -2.30 8.25 22.50
N ILE H 58 -1.51 8.51 23.54
CA ILE H 58 -2.04 8.57 24.91
C ILE H 58 -3.06 9.70 25.03
N ILE H 59 -2.69 10.89 24.56
CA ILE H 59 -3.60 12.02 24.54
C ILE H 59 -4.88 11.70 23.76
N ALA H 60 -4.74 10.91 22.70
CA ALA H 60 -5.91 10.50 21.90
C ALA H 60 -6.78 9.54 22.70
N ILE H 61 -6.15 8.74 23.54
CA ILE H 61 -6.86 7.80 24.40
C ILE H 61 -7.67 8.57 25.44
N VAL H 62 -7.08 9.62 25.99
CA VAL H 62 -7.77 10.48 26.95
C VAL H 62 -8.97 11.13 26.28
N ILE H 63 -8.76 11.66 25.09
CA ILE H 63 -9.84 12.25 24.31
C ILE H 63 -10.93 11.22 24.03
N SER H 64 -10.51 9.98 23.80
CA SER H 64 -11.46 8.88 23.59
C SER H 64 -12.33 8.70 24.83
N LEU H 65 -11.72 8.82 26.01
CA LEU H 65 -12.43 8.68 27.27
C LEU H 65 -13.36 9.87 27.53
N LEU H 66 -12.89 11.07 27.24
CA LEU H 66 -13.69 12.28 27.38
C LEU H 66 -14.95 12.25 26.52
N ILE H 67 -14.87 11.58 25.37
CA ILE H 67 -16.01 11.44 24.47
C ILE H 67 -16.97 10.39 24.99
N LEU H 68 -16.43 9.31 25.55
CA LEU H 68 -17.25 8.22 26.06
C LEU H 68 -17.94 8.62 27.37
N PHE H 69 -17.23 9.37 28.20
CA PHE H 69 -17.80 9.85 29.46
C PHE H 69 -18.04 11.36 29.40
N ALA I 2 -19.81 16.40 16.74
CA ALA I 2 -18.66 16.94 17.45
C ALA I 2 -17.80 15.80 18.01
N PHE I 3 -18.45 14.76 18.52
CA PHE I 3 -17.75 13.59 19.02
C PHE I 3 -16.95 12.93 17.89
N LEU I 4 -17.64 12.71 16.77
CA LEU I 4 -17.03 12.10 15.60
C LEU I 4 -15.83 12.93 15.12
N GLY I 5 -16.04 14.23 14.97
CA GLY I 5 -14.98 15.13 14.58
C GLY I 5 -13.76 15.05 15.49
N ALA I 6 -13.99 15.22 16.79
CA ALA I 6 -12.90 15.21 17.77
C ALA I 6 -12.11 13.91 17.71
N ALA I 7 -12.79 12.83 17.33
CA ALA I 7 -12.17 11.52 17.24
C ALA I 7 -11.26 11.42 16.02
N ILE I 8 -11.74 11.92 14.89
CA ILE I 8 -10.98 11.88 13.65
C ILE I 8 -9.70 12.71 13.76
N ALA I 9 -9.84 13.93 14.27
CA ALA I 9 -8.69 14.82 14.46
C ALA I 9 -7.66 14.21 15.41
N ALA I 10 -8.13 13.63 16.50
CA ALA I 10 -7.25 13.05 17.52
C ALA I 10 -6.64 11.75 17.03
N GLY I 11 -7.44 10.92 16.37
CA GLY I 11 -6.96 9.64 15.88
C GLY I 11 -5.90 9.78 14.81
N LEU I 12 -6.11 10.72 13.89
CA LEU I 12 -5.15 10.96 12.83
C LEU I 12 -3.88 11.63 13.36
N ALA I 13 -4.04 12.55 14.31
CA ALA I 13 -2.89 13.19 14.95
C ALA I 13 -2.03 12.16 15.68
N ALA I 14 -2.67 11.15 16.25
CA ALA I 14 -1.98 10.07 16.94
C ALA I 14 -1.13 9.27 15.95
N VAL I 15 -1.76 8.85 14.86
CA VAL I 15 -1.05 8.09 13.83
C VAL I 15 0.09 8.93 13.28
N ALA I 16 -0.21 10.18 12.94
CA ALA I 16 0.77 11.13 12.44
C ALA I 16 1.98 11.24 13.35
N GLY I 17 1.72 11.60 14.61
CA GLY I 17 2.79 11.82 15.57
C GLY I 17 3.57 10.57 15.93
N ALA I 18 2.88 9.47 16.17
CA ALA I 18 3.53 8.23 16.57
C ALA I 18 4.46 7.72 15.49
N ILE I 19 3.96 7.63 14.26
CA ILE I 19 4.76 7.10 13.16
C ILE I 19 5.95 8.01 12.84
N ALA I 20 5.71 9.32 12.82
CA ALA I 20 6.77 10.28 12.54
C ALA I 20 7.92 10.13 13.54
N VAL I 21 7.57 10.00 14.82
CA VAL I 21 8.59 9.84 15.85
C VAL I 21 9.34 8.53 15.67
N ALA I 22 8.59 7.46 15.46
CA ALA I 22 9.19 6.14 15.25
C ALA I 22 10.17 6.15 14.08
N ILE I 23 9.78 6.82 13.00
CA ILE I 23 10.68 6.95 11.84
C ILE I 23 11.96 7.68 12.23
N ILE I 24 11.81 8.80 12.93
CA ILE I 24 12.96 9.57 13.36
C ILE I 24 13.83 8.78 14.34
N VAL I 25 13.21 8.19 15.36
CA VAL I 25 13.95 7.43 16.37
C VAL I 25 14.68 6.22 15.77
N LYS I 26 14.03 5.52 14.85
CA LYS I 26 14.65 4.39 14.16
C LYS I 26 15.90 4.82 13.42
N ALA I 27 15.83 5.99 12.78
CA ALA I 27 16.96 6.50 12.00
C ALA I 27 18.18 6.81 12.89
N THR I 28 17.95 7.39 14.06
CA THR I 28 19.10 7.70 14.92
C THR I 28 19.64 6.44 15.59
N ILE I 29 18.81 5.43 15.76
CA ILE I 29 19.27 4.15 16.28
C ILE I 29 20.17 3.45 15.27
N GLU I 30 19.73 3.44 14.01
CA GLU I 30 20.54 2.85 12.93
C GLU I 30 21.85 3.62 12.73
N GLY I 31 21.76 4.94 12.76
CA GLY I 31 22.93 5.78 12.54
C GLY I 31 23.94 5.63 13.67
N THR I 32 23.42 5.54 14.89
CA THR I 32 24.28 5.42 16.07
C THR I 32 24.97 4.07 16.05
N THR I 33 24.27 3.07 15.52
CA THR I 33 24.82 1.73 15.39
C THR I 33 25.97 1.72 14.40
N ARG I 34 25.80 2.46 13.30
CA ARG I 34 26.82 2.52 12.26
C ARG I 34 27.98 3.45 12.62
N GLN I 35 27.68 4.51 13.36
CA GLN I 35 28.72 5.45 13.79
C GLN I 35 28.53 5.87 15.25
N PRO I 36 28.97 5.01 16.18
CA PRO I 36 28.82 5.23 17.63
C PRO I 36 29.43 6.55 18.07
N GLU I 37 30.45 7.00 17.35
CA GLU I 37 31.12 8.27 17.64
C GLU I 37 30.17 9.45 17.41
N LEU I 38 29.14 9.24 16.60
CA LEU I 38 28.17 10.30 16.30
C LEU I 38 26.94 10.27 17.23
N ARG I 39 27.03 9.50 18.30
CA ARG I 39 25.92 9.34 19.25
C ARG I 39 25.29 10.66 19.72
N GLY I 40 26.11 11.57 20.21
CA GLY I 40 25.62 12.86 20.68
C GLY I 40 25.08 13.72 19.56
N THR I 41 25.76 13.69 18.42
CA THR I 41 25.36 14.49 17.26
C THR I 41 24.02 14.03 16.72
N LEU I 42 23.85 12.71 16.60
CA LEU I 42 22.61 12.12 16.10
C LEU I 42 21.46 12.33 17.08
N GLN I 43 21.76 12.18 18.36
CA GLN I 43 20.77 12.37 19.42
C GLN I 43 20.21 13.80 19.42
N THR I 44 21.06 14.77 19.09
CA THR I 44 20.61 16.15 19.04
C THR I 44 19.64 16.35 17.88
N LEU I 45 19.96 15.75 16.74
CA LEU I 45 19.07 15.79 15.57
C LEU I 45 17.72 15.14 15.89
N MET I 46 17.74 14.10 16.73
CA MET I 46 16.51 13.46 17.20
C MET I 46 15.69 14.43 18.06
N PHE I 47 16.38 15.16 18.93
CA PHE I 47 15.70 16.08 19.86
C PHE I 47 15.22 17.37 19.17
N ILE I 48 15.84 17.71 18.04
CA ILE I 48 15.33 18.81 17.22
C ILE I 48 14.19 18.31 16.35
N GLY I 49 14.41 17.16 15.72
CA GLY I 49 13.46 16.61 14.75
C GLY I 49 12.10 16.23 15.32
N VAL I 50 12.07 15.66 16.52
CA VAL I 50 10.81 15.20 17.10
C VAL I 50 9.77 16.30 17.35
N PRO I 51 10.13 17.39 18.05
CA PRO I 51 9.16 18.48 18.24
C PRO I 51 8.62 19.03 16.92
N LEU I 52 9.47 19.15 15.92
CA LEU I 52 9.05 19.65 14.61
C LEU I 52 7.98 18.75 14.00
N ALA I 53 8.20 17.45 14.07
CA ALA I 53 7.26 16.49 13.50
C ALA I 53 5.98 16.42 14.33
N GLU I 54 6.09 16.73 15.62
CA GLU I 54 4.94 16.66 16.51
C GLU I 54 4.11 17.95 16.51
N ALA I 55 4.69 19.03 15.96
CA ALA I 55 4.07 20.35 16.00
C ALA I 55 2.63 20.36 15.47
N VAL I 56 2.46 19.97 14.22
CA VAL I 56 1.11 19.95 13.64
C VAL I 56 0.16 18.94 14.29
N PRO I 57 0.63 17.71 14.60
CA PRO I 57 -0.25 16.80 15.34
C PRO I 57 -0.74 17.36 16.68
N ILE I 58 0.11 18.09 17.38
CA ILE I 58 -0.28 18.73 18.64
C ILE I 58 -1.37 19.77 18.40
N ILE I 59 -1.19 20.60 17.38
CA ILE I 59 -2.21 21.58 17.02
C ILE I 59 -3.53 20.90 16.69
N ALA I 60 -3.46 19.74 16.06
CA ALA I 60 -4.66 18.97 15.74
C ALA I 60 -5.32 18.44 17.02
N ILE I 61 -4.51 18.14 18.02
CA ILE I 61 -5.02 17.72 19.31
C ILE I 61 -5.78 18.87 19.97
N VAL I 62 -5.22 20.06 19.92
CA VAL I 62 -5.88 21.26 20.42
C VAL I 62 -7.21 21.47 19.69
N ILE I 63 -7.15 21.44 18.36
CA ILE I 63 -8.36 21.54 17.54
C ILE I 63 -9.39 20.47 17.91
N SER I 64 -8.90 19.26 18.21
CA SER I 64 -9.77 18.18 18.66
C SER I 64 -10.51 18.56 19.94
N LEU I 65 -9.81 19.25 20.83
CA LEU I 65 -10.39 19.67 22.10
C LEU I 65 -11.38 20.83 21.90
N LEU I 66 -11.04 21.75 21.02
CA LEU I 66 -11.92 22.89 20.70
C LEU I 66 -13.24 22.43 20.09
N ILE I 67 -13.24 21.25 19.48
CA ILE I 67 -14.45 20.64 18.93
C ILE I 67 -15.26 19.97 20.04
N LEU I 68 -14.56 19.41 21.02
CA LEU I 68 -15.21 18.75 22.15
C LEU I 68 -15.72 19.75 23.18
N PHE I 69 -15.16 20.96 23.15
CA PHE I 69 -15.48 21.96 24.15
C PHE I 69 -15.81 23.31 23.52
N ALA J 2 -19.37 21.34 10.25
CA ALA J 2 -18.22 22.18 10.50
C ALA J 2 -17.22 21.45 11.39
N PHE J 3 -17.75 20.65 12.32
CA PHE J 3 -16.92 19.85 13.21
C PHE J 3 -16.17 18.78 12.42
N LEU J 4 -16.90 18.09 11.55
CA LEU J 4 -16.32 17.08 10.66
C LEU J 4 -15.26 17.70 9.77
N GLY J 5 -15.60 18.83 9.16
CA GLY J 5 -14.69 19.54 8.27
C GLY J 5 -13.42 19.95 8.98
N ALA J 6 -13.56 20.63 10.11
CA ALA J 6 -12.41 21.09 10.88
C ALA J 6 -11.51 19.93 11.28
N ALA J 7 -12.12 18.77 11.49
CA ALA J 7 -11.40 17.59 11.93
C ALA J 7 -10.61 16.95 10.77
N ILE J 8 -11.29 16.83 9.63
CA ILE J 8 -10.67 16.28 8.43
C ILE J 8 -9.48 17.13 7.98
N ALA J 9 -9.68 18.44 7.95
CA ALA J 9 -8.62 19.37 7.55
C ALA J 9 -7.43 19.30 8.50
N ALA J 10 -7.71 19.29 9.80
CA ALA J 10 -6.67 19.27 10.81
C ALA J 10 -5.99 17.90 10.86
N GLY J 11 -6.79 16.85 10.71
CA GLY J 11 -6.28 15.50 10.74
C GLY J 11 -5.34 15.20 9.59
N LEU J 12 -5.76 15.56 8.39
CA LEU J 12 -4.92 15.36 7.22
C LEU J 12 -3.65 16.22 7.28
N ALA J 13 -3.80 17.46 7.72
CA ALA J 13 -2.66 18.36 7.88
C ALA J 13 -1.61 17.77 8.84
N ALA J 14 -2.08 17.12 9.90
CA ALA J 14 -1.18 16.52 10.88
C ALA J 14 -0.38 15.38 10.25
N VAL J 15 -1.07 14.51 9.52
CA VAL J 15 -0.41 13.40 8.84
C VAL J 15 0.60 13.94 7.84
N ALA J 16 0.16 14.93 7.06
CA ALA J 16 1.00 15.57 6.06
C ALA J 16 2.29 16.12 6.67
N GLY J 17 2.14 16.98 7.66
CA GLY J 17 3.27 17.66 8.28
C GLY J 17 4.21 16.72 9.01
N ALA J 18 3.66 15.82 9.81
CA ALA J 18 4.45 14.92 10.63
C ALA J 18 5.33 14.01 9.78
N ILE J 19 4.71 13.37 8.79
CA ILE J 19 5.42 12.44 7.93
C ILE J 19 6.49 13.13 7.09
N ALA J 20 6.14 14.30 6.56
CA ALA J 20 7.07 15.06 5.72
C ALA J 20 8.32 15.45 6.50
N VAL J 21 8.12 15.94 7.71
CA VAL J 21 9.24 16.28 8.59
C VAL J 21 10.09 15.04 8.89
N ALA J 22 9.42 13.93 9.19
CA ALA J 22 10.10 12.67 9.50
C ALA J 22 10.99 12.22 8.35
N ILE J 23 10.47 12.29 7.14
CA ILE J 23 11.23 11.94 5.94
C ILE J 23 12.47 12.82 5.80
N ILE J 24 12.32 14.11 6.06
CA ILE J 24 13.43 15.06 5.93
C ILE J 24 14.47 14.84 7.02
N VAL J 25 14.01 14.64 8.24
CA VAL J 25 14.92 14.47 9.37
C VAL J 25 15.70 13.15 9.24
N LYS J 26 15.00 12.10 8.83
CA LYS J 26 15.63 10.80 8.61
C LYS J 26 16.73 10.90 7.56
N ALA J 27 16.45 11.59 6.46
CA ALA J 27 17.46 11.81 5.42
C ALA J 27 18.65 12.55 5.98
N THR J 28 18.40 13.54 6.83
CA THR J 28 19.45 14.33 7.46
C THR J 28 20.30 13.46 8.38
N ILE J 29 19.62 12.61 9.14
CA ILE J 29 20.30 11.70 10.07
C ILE J 29 21.13 10.68 9.30
N GLU J 30 20.56 10.15 8.22
CA GLU J 30 21.27 9.19 7.38
C GLU J 30 22.47 9.83 6.68
N GLY J 31 22.27 11.04 6.17
CA GLY J 31 23.34 11.74 5.48
C GLY J 31 24.48 12.05 6.43
N THR J 32 24.13 12.53 7.62
CA THR J 32 25.12 12.88 8.64
C THR J 32 25.94 11.66 9.06
N THR J 33 25.29 10.51 9.10
CA THR J 33 25.94 9.25 9.48
C THR J 33 27.00 8.85 8.45
N ARG J 34 26.70 9.10 7.18
CA ARG J 34 27.64 8.77 6.10
C ARG J 34 28.71 9.84 5.96
N GLN J 35 28.33 11.10 6.15
CA GLN J 35 29.26 12.21 5.99
C GLN J 35 29.23 13.14 7.20
N PRO J 36 29.89 12.73 8.29
CA PRO J 36 29.86 13.48 9.55
C PRO J 36 30.35 14.93 9.39
N GLU J 37 31.17 15.18 8.38
CA GLU J 37 31.69 16.52 8.14
C GLU J 37 30.69 17.42 7.43
N LEU J 38 29.60 16.81 6.93
CA LEU J 38 28.57 17.59 6.26
C LEU J 38 27.37 17.84 7.18
N ARG J 39 27.58 17.66 8.48
CA ARG J 39 26.52 17.86 9.47
C ARG J 39 25.87 19.25 9.36
N GLY J 40 26.68 20.30 9.38
CA GLY J 40 26.17 21.66 9.29
C GLY J 40 25.47 21.88 7.96
N THR J 41 26.09 21.41 6.89
CA THR J 41 25.55 21.53 5.54
C THR J 41 24.17 20.90 5.43
N LEU J 42 24.03 19.70 5.99
CA LEU J 42 22.78 18.96 5.90
C LEU J 42 21.72 19.54 6.85
N GLN J 43 22.15 19.95 8.03
CA GLN J 43 21.24 20.57 9.00
C GLN J 43 20.59 21.81 8.40
N THR J 44 21.36 22.54 7.60
CA THR J 44 20.86 23.73 6.93
C THR J 44 19.75 23.39 5.93
N LEU J 45 19.98 22.33 5.15
CA LEU J 45 18.97 21.87 4.20
C LEU J 45 17.70 21.41 4.93
N MET J 46 17.89 20.80 6.10
CA MET J 46 16.77 20.40 6.93
C MET J 46 16.00 21.62 7.43
N PHE J 47 16.72 22.65 7.88
CA PHE J 47 16.10 23.85 8.41
C PHE J 47 15.40 24.66 7.30
N ILE J 48 15.85 24.48 6.06
CA ILE J 48 15.18 25.09 4.91
C ILE J 48 13.99 24.26 4.47
N GLY J 49 14.16 22.94 4.45
CA GLY J 49 13.16 22.02 3.94
C GLY J 49 11.93 21.86 4.81
N VAL J 50 12.12 21.87 6.13
CA VAL J 50 10.99 21.69 7.05
C VAL J 50 9.88 22.76 6.91
N PRO J 51 10.23 24.05 6.92
CA PRO J 51 9.15 25.05 6.82
C PRO J 51 8.40 24.96 5.49
N LEU J 52 9.12 24.66 4.42
CA LEU J 52 8.50 24.52 3.10
C LEU J 52 7.49 23.39 3.12
N ALA J 53 7.88 22.26 3.72
CA ALA J 53 7.00 21.11 3.81
C ALA J 53 5.80 21.39 4.72
N GLU J 54 6.01 22.20 5.75
CA GLU J 54 4.95 22.50 6.71
C GLU J 54 3.99 23.60 6.23
N ALA J 55 4.40 24.35 5.22
CA ALA J 55 3.65 25.52 4.75
C ALA J 55 2.17 25.25 4.45
N VAL J 56 1.89 24.29 3.57
CA VAL J 56 0.50 23.97 3.25
C VAL J 56 -0.27 23.32 4.42
N PRO J 57 0.38 22.41 5.19
CA PRO J 57 -0.31 21.89 6.38
C PRO J 57 -0.79 22.95 7.36
N ILE J 58 0.06 23.93 7.68
CA ILE J 58 -0.33 24.96 8.64
C ILE J 58 -1.42 25.86 8.05
N ILE J 59 -1.40 26.05 6.73
CA ILE J 59 -2.46 26.77 6.05
C ILE J 59 -3.78 26.01 6.16
N ALA J 60 -3.70 24.68 6.09
CA ALA J 60 -4.88 23.83 6.25
C ALA J 60 -5.37 23.85 7.70
N ILE J 61 -4.46 24.11 8.63
CA ILE J 61 -4.82 24.31 10.03
C ILE J 61 -5.63 25.58 10.21
N VAL J 62 -5.18 26.67 9.60
CA VAL J 62 -5.91 27.93 9.63
C VAL J 62 -7.33 27.72 9.12
N ILE J 63 -7.44 27.11 7.94
CA ILE J 63 -8.73 26.80 7.33
C ILE J 63 -9.58 25.93 8.28
N SER J 64 -8.92 25.02 8.99
CA SER J 64 -9.61 24.20 9.99
C SER J 64 -10.23 25.10 11.07
N LEU J 65 -9.49 26.12 11.49
CA LEU J 65 -9.98 27.07 12.48
C LEU J 65 -11.11 27.93 11.91
N LEU J 66 -10.96 28.38 10.66
CA LEU J 66 -11.99 29.18 10.00
C LEU J 66 -13.32 28.42 9.94
N ILE J 67 -13.25 27.15 9.59
CA ILE J 67 -14.43 26.28 9.58
C ILE J 67 -15.05 26.17 10.97
N LEU J 68 -14.20 26.08 12.00
CA LEU J 68 -14.68 25.96 13.37
C LEU J 68 -15.24 27.27 13.92
N PHE J 69 -14.77 28.39 13.37
CA PHE J 69 -15.15 29.69 13.88
C PHE J 69 -15.76 30.58 12.79
N ALA K 2 -20.25 22.49 2.39
CA ALA K 2 -19.20 23.41 2.00
C ALA K 2 -18.05 23.30 2.98
N PHE K 3 -18.40 23.02 4.25
CA PHE K 3 -17.41 22.75 5.28
C PHE K 3 -16.62 21.49 4.92
N LEU K 4 -17.35 20.47 4.49
CA LEU K 4 -16.75 19.21 4.07
C LEU K 4 -15.87 19.46 2.84
N GLY K 5 -16.37 20.25 1.91
CA GLY K 5 -15.64 20.58 0.69
C GLY K 5 -14.34 21.32 0.96
N ALA K 6 -14.43 22.42 1.72
CA ALA K 6 -13.25 23.21 2.04
C ALA K 6 -12.21 22.37 2.76
N ALA K 7 -12.67 21.41 3.57
CA ALA K 7 -11.79 20.55 4.34
C ALA K 7 -11.05 19.55 3.47
N ILE K 8 -11.80 18.83 2.64
CA ILE K 8 -11.24 17.83 1.74
C ILE K 8 -10.19 18.43 0.81
N ALA K 9 -10.48 19.61 0.27
CA ALA K 9 -9.56 20.30 -0.61
C ALA K 9 -8.30 20.75 0.12
N ALA K 10 -8.46 21.28 1.33
CA ALA K 10 -7.33 21.79 2.10
C ALA K 10 -6.46 20.65 2.63
N GLY K 11 -7.11 19.59 3.09
CA GLY K 11 -6.42 18.45 3.67
C GLY K 11 -5.60 17.68 2.66
N LEU K 12 -6.19 17.43 1.50
CA LEU K 12 -5.47 16.77 0.40
C LEU K 12 -4.31 17.62 -0.09
N ALA K 13 -4.55 18.92 -0.27
CA ALA K 13 -3.50 19.84 -0.69
C ALA K 13 -2.32 19.80 0.28
N ALA K 14 -2.64 19.64 1.56
CA ALA K 14 -1.61 19.55 2.61
C ALA K 14 -0.78 18.30 2.43
N VAL K 15 -1.45 17.16 2.27
CA VAL K 15 -0.76 15.90 2.02
C VAL K 15 0.06 16.00 0.74
N ALA K 16 -0.56 16.50 -0.32
CA ALA K 16 0.08 16.67 -1.61
C ALA K 16 1.37 17.49 -1.50
N GLY K 17 1.24 18.68 -0.92
CA GLY K 17 2.36 19.60 -0.85
C GLY K 17 3.46 19.17 0.11
N ALA K 18 3.07 18.75 1.31
CA ALA K 18 4.05 18.37 2.33
C ALA K 18 4.88 17.18 1.86
N ILE K 19 4.21 16.14 1.39
CA ILE K 19 4.90 14.93 0.94
C ILE K 19 5.80 15.21 -0.26
N ALA K 20 5.29 15.97 -1.24
CA ALA K 20 6.06 16.30 -2.43
C ALA K 20 7.37 17.01 -2.08
N VAL K 21 7.27 18.01 -1.21
CA VAL K 21 8.45 18.74 -0.77
C VAL K 21 9.43 17.82 -0.05
N ALA K 22 8.89 16.95 0.80
CA ALA K 22 9.72 16.00 1.55
C ALA K 22 10.53 15.11 0.61
N ILE K 23 9.87 14.62 -0.44
CA ILE K 23 10.53 13.80 -1.44
C ILE K 23 11.66 14.56 -2.14
N ILE K 24 11.39 15.82 -2.47
CA ILE K 24 12.39 16.65 -3.16
C ILE K 24 13.55 17.00 -2.25
N VAL K 25 13.24 17.40 -1.02
CA VAL K 25 14.28 17.77 -0.07
C VAL K 25 15.16 16.59 0.29
N LYS K 26 14.54 15.46 0.59
CA LYS K 26 15.27 14.23 0.86
C LYS K 26 16.21 13.88 -0.29
N ALA K 27 15.75 14.09 -1.51
CA ALA K 27 16.58 13.80 -2.69
C ALA K 27 17.79 14.73 -2.72
N THR K 28 17.55 16.00 -2.39
CA THR K 28 18.61 17.00 -2.35
C THR K 28 19.64 16.62 -1.29
N ILE K 29 19.14 16.19 -0.13
CA ILE K 29 20.01 15.82 0.97
C ILE K 29 20.83 14.56 0.66
N GLU K 30 20.18 13.58 0.04
CA GLU K 30 20.87 12.35 -0.33
C GLU K 30 21.91 12.60 -1.42
N GLY K 31 21.59 13.49 -2.35
CA GLY K 31 22.50 13.81 -3.43
C GLY K 31 23.72 14.53 -2.92
N THR K 32 23.50 15.50 -2.03
CA THR K 32 24.58 16.24 -1.42
C THR K 32 25.49 15.29 -0.64
N THR K 33 24.90 14.35 0.07
CA THR K 33 25.66 13.35 0.80
C THR K 33 26.54 12.52 -0.12
N ARG K 34 26.01 12.24 -1.31
CA ARG K 34 26.68 11.39 -2.28
C ARG K 34 27.74 12.15 -3.08
N GLN K 35 27.42 13.38 -3.48
CA GLN K 35 28.38 14.24 -4.18
C GLN K 35 28.33 15.66 -3.62
N PRO K 36 29.05 15.90 -2.51
CA PRO K 36 29.00 17.16 -1.77
C PRO K 36 29.33 18.39 -2.63
N GLU K 37 30.20 18.23 -3.61
CA GLU K 37 30.57 19.32 -4.51
C GLU K 37 29.34 19.94 -5.16
N LEU K 38 28.32 19.12 -5.39
CA LEU K 38 27.14 19.55 -6.13
C LEU K 38 26.09 20.22 -5.25
N ARG K 39 26.43 20.44 -3.99
CA ARG K 39 25.51 21.02 -3.01
C ARG K 39 24.68 22.19 -3.56
N GLY K 40 25.37 23.22 -4.04
CA GLY K 40 24.71 24.40 -4.58
C GLY K 40 23.84 24.06 -5.77
N THR K 41 24.37 23.21 -6.65
CA THR K 41 23.64 22.79 -7.85
C THR K 41 22.33 22.09 -7.52
N LEU K 42 22.38 21.21 -6.52
CA LEU K 42 21.18 20.47 -6.13
C LEU K 42 20.17 21.36 -5.40
N GLN K 43 20.70 22.28 -4.59
CA GLN K 43 19.85 23.23 -3.87
C GLN K 43 19.02 24.09 -4.84
N THR K 44 19.61 24.44 -5.98
CA THR K 44 18.90 25.22 -6.99
C THR K 44 17.77 24.39 -7.58
N LEU K 45 18.03 23.11 -7.84
CA LEU K 45 16.99 22.20 -8.30
C LEU K 45 15.87 22.06 -7.25
N MET K 46 16.26 22.07 -5.98
CA MET K 46 15.29 22.06 -4.88
C MET K 46 14.45 23.34 -4.89
N PHE K 47 15.11 24.48 -5.05
CA PHE K 47 14.41 25.77 -5.03
C PHE K 47 13.53 25.98 -6.26
N ILE K 48 13.83 25.27 -7.35
CA ILE K 48 12.99 25.28 -8.53
C ILE K 48 11.87 24.25 -8.41
N GLY K 49 12.20 23.07 -7.91
CA GLY K 49 11.26 21.97 -7.83
C GLY K 49 10.11 22.17 -6.86
N VAL K 50 10.39 22.78 -5.72
CA VAL K 50 9.36 22.98 -4.70
C VAL K 50 8.15 23.82 -5.14
N PRO K 51 8.37 25.05 -5.67
CA PRO K 51 7.21 25.87 -6.07
C PRO K 51 6.39 25.18 -7.15
N LEU K 52 7.07 24.49 -8.06
CA LEU K 52 6.39 23.75 -9.11
C LEU K 52 5.51 22.66 -8.49
N ALA K 53 6.05 21.97 -7.50
CA ALA K 53 5.32 20.92 -6.81
C ALA K 53 4.18 21.48 -5.97
N GLU K 54 4.41 22.66 -5.38
CA GLU K 54 3.41 23.28 -4.50
C GLU K 54 2.33 24.04 -5.27
N ALA K 55 2.55 24.25 -6.57
CA ALA K 55 1.66 25.07 -7.39
C ALA K 55 0.19 24.66 -7.32
N VAL K 56 -0.11 23.43 -7.72
CA VAL K 56 -1.48 22.94 -7.70
C VAL K 56 -2.07 22.79 -6.27
N PRO K 57 -1.26 22.31 -5.30
CA PRO K 57 -1.78 22.32 -3.93
C PRO K 57 -2.21 23.72 -3.48
N ILE K 58 -1.43 24.72 -3.85
CA ILE K 58 -1.75 26.11 -3.52
C ILE K 58 -3.05 26.56 -4.17
N ILE K 59 -3.24 26.22 -5.44
CA ILE K 59 -4.50 26.50 -6.13
C ILE K 59 -5.66 25.82 -5.41
N ALA K 60 -5.44 24.58 -4.98
CA ALA K 60 -6.44 23.83 -4.23
C ALA K 60 -6.84 24.54 -2.93
N ILE K 61 -5.87 25.20 -2.32
CA ILE K 61 -6.13 25.99 -1.11
C ILE K 61 -7.02 27.19 -1.43
N VAL K 62 -6.71 27.90 -2.52
CA VAL K 62 -7.53 29.00 -2.98
C VAL K 62 -8.97 28.54 -3.18
N ILE K 63 -9.11 27.40 -3.85
CA ILE K 63 -10.41 26.78 -4.07
C ILE K 63 -11.10 26.43 -2.74
N SER K 64 -10.31 25.95 -1.79
CA SER K 64 -10.83 25.64 -0.45
C SER K 64 -11.47 26.88 0.17
N LEU K 65 -10.81 28.02 0.01
CA LEU K 65 -11.31 29.27 0.56
C LEU K 65 -12.53 29.79 -0.23
N LEU K 66 -12.51 29.61 -1.54
CA LEU K 66 -13.64 30.01 -2.38
C LEU K 66 -14.90 29.25 -2.00
N ILE K 67 -14.72 28.01 -1.56
CA ILE K 67 -15.83 27.19 -1.07
C ILE K 67 -16.31 27.70 0.29
N LEU K 68 -15.37 28.03 1.17
CA LEU K 68 -15.68 28.44 2.53
C LEU K 68 -16.29 29.84 2.58
N PHE K 69 -15.99 30.64 1.57
CA PHE K 69 -16.45 32.03 1.55
C PHE K 69 -17.26 32.34 0.30
N ALA L 2 -21.86 20.45 -5.15
CA ALA L 2 -20.93 21.20 -5.98
C ALA L 2 -19.69 21.54 -5.17
N PHE L 3 -19.89 21.89 -3.90
CA PHE L 3 -18.78 22.12 -2.99
C PHE L 3 -17.94 20.86 -2.86
N LEU L 4 -18.62 19.73 -2.66
CA LEU L 4 -17.95 18.44 -2.51
C LEU L 4 -17.27 18.05 -3.81
N GLY L 5 -17.96 18.21 -4.93
CA GLY L 5 -17.40 17.92 -6.24
C GLY L 5 -16.15 18.73 -6.52
N ALA L 6 -16.27 20.05 -6.43
CA ALA L 6 -15.14 20.95 -6.66
C ALA L 6 -13.95 20.58 -5.79
N ALA L 7 -14.22 20.13 -4.57
CA ALA L 7 -13.18 19.75 -3.62
C ALA L 7 -12.48 18.46 -4.00
N ILE L 8 -13.26 17.50 -4.49
CA ILE L 8 -12.71 16.21 -4.90
C ILE L 8 -11.78 16.37 -6.10
N ALA L 9 -12.23 17.12 -7.09
CA ALA L 9 -11.45 17.35 -8.30
C ALA L 9 -10.18 18.16 -8.01
N ALA L 10 -10.28 19.12 -7.09
CA ALA L 10 -9.14 19.96 -6.76
C ALA L 10 -8.13 19.25 -5.87
N GLY L 11 -8.65 18.50 -4.89
CA GLY L 11 -7.80 17.74 -4.00
C GLY L 11 -7.02 16.67 -4.74
N LEU L 12 -7.71 15.92 -5.60
CA LEU L 12 -7.07 14.89 -6.37
C LEU L 12 -6.10 15.47 -7.39
N ALA L 13 -6.40 16.66 -7.90
CA ALA L 13 -5.49 17.34 -8.82
C ALA L 13 -4.22 17.75 -8.09
N ALA L 14 -4.39 18.22 -6.86
CA ALA L 14 -3.25 18.62 -6.03
C ALA L 14 -2.30 17.47 -5.78
N VAL L 15 -2.85 16.33 -5.37
CA VAL L 15 -2.05 15.14 -5.11
C VAL L 15 -1.37 14.64 -6.38
N ALA L 16 -2.13 14.56 -7.46
CA ALA L 16 -1.61 14.13 -8.76
C ALA L 16 -0.43 15.00 -9.19
N GLY L 17 -0.65 16.31 -9.22
CA GLY L 17 0.35 17.25 -9.67
C GLY L 17 1.59 17.30 -8.79
N ALA L 18 1.40 17.36 -7.48
CA ALA L 18 2.53 17.50 -6.56
C ALA L 18 3.44 16.28 -6.56
N ILE L 19 2.85 15.09 -6.49
CA ILE L 19 3.64 13.86 -6.45
C ILE L 19 4.36 13.61 -7.78
N ALA L 20 3.67 13.87 -8.88
CA ALA L 20 4.26 13.69 -10.21
C ALA L 20 5.50 14.55 -10.37
N VAL L 21 5.36 15.84 -10.02
CA VAL L 21 6.48 16.76 -10.09
C VAL L 21 7.63 16.33 -9.18
N ALA L 22 7.28 15.93 -7.95
CA ALA L 22 8.28 15.48 -6.99
C ALA L 22 9.07 14.29 -7.53
N ILE L 23 8.38 13.38 -8.19
CA ILE L 23 9.02 12.21 -8.77
C ILE L 23 10.00 12.60 -9.88
N ILE L 24 9.59 13.55 -10.72
CA ILE L 24 10.43 14.01 -11.82
C ILE L 24 11.63 14.81 -11.30
N VAL L 25 11.39 15.66 -10.31
CA VAL L 25 12.46 16.46 -9.73
C VAL L 25 13.47 15.58 -8.98
N LYS L 26 12.95 14.60 -8.24
CA LYS L 26 13.80 13.65 -7.54
C LYS L 26 14.70 12.90 -8.53
N ALA L 27 14.12 12.49 -9.65
CA ALA L 27 14.87 11.81 -10.69
C ALA L 27 15.95 12.72 -11.28
N THR L 28 15.60 13.99 -11.47
CA THR L 28 16.55 14.95 -12.03
C THR L 28 17.69 15.18 -11.05
N ILE L 29 17.36 15.28 -9.76
CA ILE L 29 18.36 15.44 -8.73
C ILE L 29 19.28 14.22 -8.64
N GLU L 30 18.68 13.03 -8.67
CA GLU L 30 19.45 11.79 -8.62
C GLU L 30 20.39 11.64 -9.81
N GLY L 31 19.91 12.00 -11.00
CA GLY L 31 20.70 11.88 -12.21
C GLY L 31 21.85 12.87 -12.28
N THR L 32 21.59 14.09 -11.82
CA THR L 32 22.61 15.13 -11.80
C THR L 32 23.74 14.74 -10.85
N THR L 33 23.36 14.11 -9.73
CA THR L 33 24.32 13.64 -8.75
C THR L 33 25.24 12.56 -9.34
N ARG L 34 24.69 11.74 -10.23
CA ARG L 34 25.46 10.66 -10.85
C ARG L 34 26.21 11.11 -12.10
N GLN L 35 25.61 12.01 -12.85
CA GLN L 35 26.24 12.54 -14.06
C GLN L 35 26.14 14.05 -14.08
N PRO L 36 27.01 14.72 -13.31
CA PRO L 36 27.00 16.18 -13.17
C PRO L 36 27.13 16.88 -14.52
N GLU L 37 27.88 16.30 -15.45
CA GLU L 37 28.06 16.91 -16.76
C GLU L 37 26.78 16.88 -17.59
N LEU L 38 25.85 16.02 -17.21
CA LEU L 38 24.57 15.92 -17.92
C LEU L 38 23.53 16.89 -17.36
N ARG L 39 23.96 17.71 -16.40
CA ARG L 39 23.09 18.66 -15.70
C ARG L 39 22.06 19.37 -16.58
N GLY L 40 22.53 19.97 -17.67
CA GLY L 40 21.65 20.75 -18.54
C GLY L 40 20.65 19.88 -19.27
N THR L 41 21.11 18.72 -19.74
CA THR L 41 20.25 17.80 -20.48
C THR L 41 19.14 17.26 -19.58
N LEU L 42 19.49 16.97 -18.33
CA LEU L 42 18.53 16.45 -17.38
C LEU L 42 17.55 17.53 -16.94
N GLN L 43 18.06 18.75 -16.78
CA GLN L 43 17.24 19.89 -16.38
C GLN L 43 16.19 20.17 -17.45
N THR L 44 16.58 19.99 -18.71
CA THR L 44 15.66 20.18 -19.83
C THR L 44 14.54 19.14 -19.84
N LEU L 45 14.88 17.89 -19.54
CA LEU L 45 13.89 16.82 -19.44
C LEU L 45 12.87 17.13 -18.32
N MET L 46 13.36 17.72 -17.23
CA MET L 46 12.48 18.13 -16.13
C MET L 46 11.52 19.24 -16.57
N PHE L 47 12.03 20.20 -17.34
CA PHE L 47 11.23 21.33 -17.78
C PHE L 47 10.20 20.94 -18.85
N ILE L 48 10.41 19.77 -19.47
CA ILE L 48 9.44 19.23 -20.41
C ILE L 48 8.43 18.31 -19.71
N GLY L 49 8.93 17.47 -18.81
CA GLY L 49 8.10 16.52 -18.09
C GLY L 49 7.08 17.14 -17.15
N VAL L 50 7.48 18.18 -16.43
CA VAL L 50 6.57 18.83 -15.48
C VAL L 50 5.26 19.34 -16.09
N PRO L 51 5.32 20.17 -17.17
CA PRO L 51 4.07 20.65 -17.75
C PRO L 51 3.19 19.51 -18.28
N LEU L 52 3.82 18.49 -18.86
CA LEU L 52 3.09 17.34 -19.37
C LEU L 52 2.40 16.59 -18.24
N ALA L 53 3.11 16.41 -17.13
CA ALA L 53 2.54 15.78 -15.95
C ALA L 53 1.41 16.64 -15.39
N GLU L 54 1.65 17.94 -15.35
CA GLU L 54 0.70 18.87 -14.74
C GLU L 54 -0.51 19.15 -15.63
N ALA L 55 -0.46 18.69 -16.87
CA ALA L 55 -1.50 18.99 -17.86
C ALA L 55 -2.91 18.65 -17.38
N VAL L 56 -3.17 17.36 -17.16
CA VAL L 56 -4.49 16.93 -16.70
C VAL L 56 -4.88 17.48 -15.31
N PRO L 57 -3.95 17.49 -14.33
CA PRO L 57 -4.29 18.14 -13.06
C PRO L 57 -4.78 19.58 -13.21
N ILE L 58 -4.12 20.36 -14.06
CA ILE L 58 -4.52 21.74 -14.32
C ILE L 58 -5.93 21.79 -14.92
N ILE L 59 -6.19 20.91 -15.88
CA ILE L 59 -7.52 20.78 -16.48
C ILE L 59 -8.56 20.43 -15.41
N ALA L 60 -8.17 19.53 -14.51
CA ALA L 60 -9.04 19.13 -13.41
C ALA L 60 -9.31 20.30 -12.47
N ILE L 61 -8.32 21.19 -12.33
CA ILE L 61 -8.49 22.39 -11.54
C ILE L 61 -9.51 23.31 -12.20
N VAL L 62 -9.42 23.44 -13.52
CA VAL L 62 -10.40 24.20 -14.29
C VAL L 62 -11.80 23.64 -14.06
N ILE L 63 -11.94 22.34 -14.29
CA ILE L 63 -13.21 21.64 -14.09
C ILE L 63 -13.75 21.83 -12.68
N SER L 64 -12.84 21.87 -11.70
CA SER L 64 -13.20 22.13 -10.32
C SER L 64 -13.92 23.49 -10.17
N LEU L 65 -13.41 24.49 -10.87
CA LEU L 65 -13.99 25.83 -10.82
C LEU L 65 -15.32 25.90 -11.57
N LEU L 66 -15.43 25.18 -12.67
CA LEU L 66 -16.68 25.13 -13.43
C LEU L 66 -17.81 24.58 -12.58
N ILE L 67 -17.47 23.66 -11.68
CA ILE L 67 -18.44 23.11 -10.74
C ILE L 67 -18.75 24.15 -9.66
N LEU L 68 -17.69 24.80 -9.15
CA LEU L 68 -17.83 25.80 -8.10
C LEU L 68 -18.51 27.05 -8.61
N PHE L 69 -18.38 27.30 -9.91
CA PHE L 69 -18.98 28.47 -10.54
C PHE L 69 -19.85 28.07 -11.73
N ALA M 2 -24.22 15.27 -10.86
CA ALA M 2 -23.43 15.58 -12.04
C ALA M 2 -22.13 16.25 -11.61
N PHE M 3 -22.18 16.99 -10.51
CA PHE M 3 -21.00 17.64 -9.95
C PHE M 3 -20.05 16.58 -9.37
N LEU M 4 -20.60 15.68 -8.57
CA LEU M 4 -19.82 14.60 -7.97
C LEU M 4 -19.19 13.73 -9.05
N GLY M 5 -20.01 13.29 -9.99
CA GLY M 5 -19.55 12.47 -11.10
C GLY M 5 -18.43 13.12 -11.89
N ALA M 6 -18.65 14.35 -12.33
CA ALA M 6 -17.64 15.08 -13.09
C ALA M 6 -16.33 15.20 -12.31
N ALA M 7 -16.46 15.38 -11.00
CA ALA M 7 -15.30 15.50 -10.11
C ALA M 7 -14.51 14.19 -10.06
N ILE M 8 -15.22 13.08 -9.92
CA ILE M 8 -14.59 11.77 -9.83
C ILE M 8 -13.84 11.42 -11.11
N ALA M 9 -14.49 11.66 -12.25
CA ALA M 9 -13.86 11.40 -13.54
C ALA M 9 -12.62 12.26 -13.75
N ALA M 10 -12.76 13.56 -13.47
CA ALA M 10 -11.65 14.50 -13.65
C ALA M 10 -10.52 14.24 -12.66
N GLY M 11 -10.89 13.99 -11.40
CA GLY M 11 -9.91 13.74 -10.35
C GLY M 11 -9.09 12.49 -10.60
N LEU M 12 -9.76 11.40 -10.96
CA LEU M 12 -9.07 10.14 -11.24
C LEU M 12 -8.23 10.25 -12.51
N ALA M 13 -8.70 11.03 -13.48
CA ALA M 13 -7.95 11.22 -14.72
C ALA M 13 -6.66 11.99 -14.45
N ALA M 14 -6.70 12.90 -13.47
CA ALA M 14 -5.54 13.70 -13.12
C ALA M 14 -4.47 12.82 -12.49
N VAL M 15 -4.89 11.98 -11.55
CA VAL M 15 -3.98 11.04 -10.89
C VAL M 15 -3.39 10.08 -11.92
N ALA M 16 -4.25 9.53 -12.77
CA ALA M 16 -3.84 8.58 -13.79
C ALA M 16 -2.77 9.16 -14.71
N GLY M 17 -3.06 10.33 -15.26
CA GLY M 17 -2.18 10.95 -16.24
C GLY M 17 -0.87 11.45 -15.64
N ALA M 18 -0.99 12.25 -14.59
CA ALA M 18 0.19 12.84 -13.93
C ALA M 18 1.19 11.79 -13.48
N ILE M 19 0.71 10.79 -12.75
CA ILE M 19 1.58 9.73 -12.26
C ILE M 19 2.23 8.93 -13.38
N ALA M 20 1.43 8.59 -14.40
CA ALA M 20 1.94 7.82 -15.54
C ALA M 20 3.02 8.58 -16.29
N VAL M 21 2.81 9.88 -16.47
CA VAL M 21 3.81 10.72 -17.11
C VAL M 21 5.08 10.77 -16.26
N ALA M 22 4.91 10.91 -14.95
CA ALA M 22 6.02 10.97 -14.02
C ALA M 22 6.87 9.70 -14.09
N ILE M 23 6.20 8.55 -14.15
CA ILE M 23 6.89 7.27 -14.25
C ILE M 23 7.72 7.17 -15.52
N ILE M 24 7.10 7.58 -16.64
CA ILE M 24 7.75 7.53 -17.94
C ILE M 24 8.93 8.50 -18.01
N VAL M 25 8.72 9.72 -17.54
CA VAL M 25 9.77 10.73 -17.56
C VAL M 25 10.95 10.34 -16.66
N LYS M 26 10.64 9.87 -15.45
CA LYS M 26 11.67 9.38 -14.52
C LYS M 26 12.55 8.34 -15.21
N ALA M 27 11.91 7.42 -15.93
CA ALA M 27 12.62 6.35 -16.62
C ALA M 27 13.51 6.89 -17.73
N THR M 28 13.07 7.95 -18.40
CA THR M 28 13.84 8.59 -19.45
C THR M 28 15.06 9.27 -18.86
N ILE M 29 14.88 9.85 -17.68
CA ILE M 29 15.97 10.54 -16.98
C ILE M 29 17.01 9.55 -16.48
N GLU M 30 16.55 8.46 -15.86
CA GLU M 30 17.45 7.44 -15.35
C GLU M 30 18.24 6.76 -16.46
N GLY M 31 17.59 6.54 -17.60
CA GLY M 31 18.24 5.93 -18.75
C GLY M 31 19.29 6.85 -19.35
N THR M 32 18.92 8.12 -19.52
CA THR M 32 19.80 9.12 -20.08
C THR M 32 21.05 9.28 -19.22
N THR M 33 20.85 9.30 -17.90
CA THR M 33 21.94 9.32 -16.94
C THR M 33 22.83 8.10 -17.13
N ARG M 34 22.20 6.95 -17.36
CA ARG M 34 22.90 5.69 -17.50
C ARG M 34 23.67 5.59 -18.82
N GLN M 35 23.08 6.09 -19.89
CA GLN M 35 23.69 6.05 -21.22
C GLN M 35 23.40 7.34 -21.97
N PRO M 36 24.19 8.39 -21.72
CA PRO M 36 24.00 9.71 -22.33
C PRO M 36 23.96 9.67 -23.86
N GLU M 37 24.50 8.62 -24.44
CA GLU M 37 24.52 8.47 -25.90
C GLU M 37 23.12 8.14 -26.43
N LEU M 38 22.30 7.50 -25.60
CA LEU M 38 20.95 7.14 -26.00
C LEU M 38 19.94 8.24 -25.71
N ARG M 39 20.45 9.43 -25.38
CA ARG M 39 19.62 10.57 -24.96
C ARG M 39 18.46 10.89 -25.90
N GLY M 40 18.66 10.76 -27.21
CA GLY M 40 17.63 11.07 -28.19
C GLY M 40 16.68 9.91 -28.40
N THR M 41 17.22 8.69 -28.29
CA THR M 41 16.43 7.49 -28.45
C THR M 41 15.39 7.36 -27.33
N LEU M 42 15.85 7.55 -26.11
CA LEU M 42 14.98 7.50 -24.94
C LEU M 42 13.97 8.64 -24.97
N GLN M 43 14.40 9.78 -25.49
CA GLN M 43 13.55 10.96 -25.59
C GLN M 43 12.41 10.72 -26.58
N THR M 44 12.67 9.95 -27.62
CA THR M 44 11.63 9.58 -28.58
C THR M 44 10.60 8.66 -27.93
N LEU M 45 11.09 7.68 -27.18
CA LEU M 45 10.23 6.76 -26.43
C LEU M 45 9.33 7.50 -25.44
N MET M 46 9.85 8.55 -24.82
CA MET M 46 9.08 9.39 -23.91
C MET M 46 7.97 10.14 -24.66
N PHE M 47 8.32 10.68 -25.83
CA PHE M 47 7.39 11.46 -26.64
C PHE M 47 6.29 10.59 -27.24
N ILE M 48 6.54 9.28 -27.30
CA ILE M 48 5.54 8.33 -27.79
C ILE M 48 4.68 7.78 -26.64
N GLY M 49 5.32 7.45 -25.53
CA GLY M 49 4.64 6.84 -24.40
C GLY M 49 3.66 7.76 -23.69
N VAL M 50 4.06 9.01 -23.49
CA VAL M 50 3.21 9.97 -22.80
C VAL M 50 1.81 10.19 -23.43
N PRO M 51 1.75 10.47 -24.75
CA PRO M 51 0.42 10.63 -25.37
C PRO M 51 -0.43 9.37 -25.24
N LEU M 52 0.20 8.20 -25.37
CA LEU M 52 -0.50 6.94 -25.23
C LEU M 52 -1.01 6.76 -23.79
N ALA M 53 -0.18 7.12 -22.82
CA ALA M 53 -0.57 7.03 -21.42
C ALA M 53 -1.66 8.03 -21.07
N GLU M 54 -1.61 9.19 -21.71
CA GLU M 54 -2.58 10.24 -21.45
C GLU M 54 -3.90 10.03 -22.20
N ALA M 55 -3.90 9.08 -23.15
CA ALA M 55 -5.06 8.85 -24.01
C ALA M 55 -6.37 8.67 -23.24
N VAL M 56 -6.45 7.63 -22.42
CA VAL M 56 -7.67 7.39 -21.64
C VAL M 56 -7.99 8.48 -20.60
N PRO M 57 -6.96 9.01 -19.88
CA PRO M 57 -7.27 10.14 -19.00
C PRO M 57 -7.88 11.33 -19.73
N ILE M 58 -7.43 11.61 -20.95
CA ILE M 58 -8.00 12.69 -21.75
C ILE M 58 -9.47 12.40 -22.08
N ILE M 59 -9.75 11.18 -22.52
CA ILE M 59 -11.12 10.76 -22.79
C ILE M 59 -11.99 10.88 -21.54
N ALA M 60 -11.43 10.50 -20.39
CA ALA M 60 -12.13 10.64 -19.12
C ALA M 60 -12.43 12.10 -18.80
N ILE M 61 -11.53 12.99 -19.20
CA ILE M 61 -11.75 14.42 -19.04
C ILE M 61 -12.93 14.88 -19.90
N VAL M 62 -12.97 14.42 -21.15
CA VAL M 62 -14.06 14.74 -22.06
C VAL M 62 -15.39 14.27 -21.46
N ILE M 63 -15.40 13.03 -20.98
CA ILE M 63 -16.57 12.46 -20.31
C ILE M 63 -16.98 13.29 -19.10
N SER M 64 -15.98 13.81 -18.39
CA SER M 64 -16.23 14.67 -17.23
C SER M 64 -17.02 15.92 -17.64
N LEU M 65 -16.64 16.51 -18.76
CA LEU M 65 -17.32 17.69 -19.28
C LEU M 65 -18.73 17.36 -19.79
N LEU M 66 -18.87 16.18 -20.40
CA LEU M 66 -20.16 15.72 -20.91
C LEU M 66 -21.16 15.51 -19.77
N ILE M 67 -20.64 15.16 -18.59
CA ILE M 67 -21.46 15.05 -17.39
C ILE M 67 -21.81 16.42 -16.85
N LEU M 68 -20.82 17.32 -16.85
CA LEU M 68 -21.01 18.69 -16.37
C LEU M 68 -21.98 19.45 -17.26
N PHE M 69 -21.84 19.26 -18.57
CA PHE M 69 -22.67 19.97 -19.53
C PHE M 69 -23.52 19.03 -20.37
#